data_6OZ1
#
_entry.id   6OZ1
#
_cell.length_a   60.325
_cell.length_b   90.580
_cell.length_c   172.202
_cell.angle_alpha   90.00
_cell.angle_beta   90.00
_cell.angle_gamma   90.00
#
_symmetry.space_group_name_H-M   'P 21 21 21'
#
loop_
_entity.id
_entity.type
_entity.pdbx_description
1 polymer Oxidoreductase
2 non-polymer 'SULFATE ION'
3 non-polymer 'CHLORIDE ION'
4 non-polymer 'ADENOSINE MONOPHOSPHATE'
5 non-polymer 'SUCCINIC ACID'
6 non-polymer GLYCEROL
7 water water
#
_entity_poly.entity_id   1
_entity_poly.type   'polypeptide(L)'
_entity_poly.pdbx_seq_one_letter_code
;QGMTETISTPAATTTPDLADQQELERRVAQVVSNDPQLQALLPDDAVSGAVNEPGLTLIELIRRLLEGYGDRPALGQRAV
ELVTDEHGATTVALKTEFVTTSYRELWNRAEAIAAAWYAQGIRDGDFVAQLGFTSTDFASLDVAGLRLGTVSVPLQTGAS
VQQRNAILEETQPTVFAASVEYLEAAVDSVLATPSVQLLSVFDYHPEADAHRAALSAVRDRLETAGRTITIDSLGDAIAR
GRELPAAPQPSEDPDALRLLIYTSGSTGTPKGAMYPQWLVANLWQKKWLTTTVIPSVGVNFMPMSHLAGRLTLMGTLSGG
GTAYYIASSDLSTFFEDIALIRPTEVLFVPRVVEMVFQRYQAELDRSLAPGESNAEIAEKIKVRIREEDFGGRVLNAGSG
SAPLSPEMNDFMESLLQVAMLDGYGSTEAGAVWRDGVLQRPPVTEYKLVDVPELGYFTTDSPHPRGELRIKSETMFPGYY
KRPETTADVFDEDGFYMTGDVVAELGPDHLKYLDRVKNVLKLAQGEFVAVSKLEAAYTGSPLVRQIFVYGNSERSYLLAV
VVPTPEALERYADSPDALKPLIQDSLQQVAKGAELQSYEIPRDFIVETVPFTVESGLLSDARKLLRPKLKEHYGERLEAL
YAD
;
_entity_poly.pdbx_strand_id   A
#
# COMPACT_ATOMS: atom_id res chain seq x y z
N GLN A 1 -4.86 -6.93 30.58
CA GLN A 1 -4.68 -7.96 29.55
C GLN A 1 -3.42 -8.78 29.79
N GLY A 2 -2.49 -8.23 30.58
CA GLY A 2 -1.45 -9.06 31.12
C GLY A 2 -2.01 -10.17 31.98
N MET A 3 -3.19 -9.94 32.56
CA MET A 3 -3.82 -10.91 33.42
C MET A 3 -4.74 -11.88 32.69
N THR A 4 -4.85 -11.78 31.37
CA THR A 4 -5.47 -12.82 30.54
C THR A 4 -4.44 -13.68 29.83
N GLU A 5 -3.15 -13.47 30.10
CA GLU A 5 -2.10 -14.35 29.58
C GLU A 5 -2.22 -15.75 30.18
N THR A 6 -1.94 -16.76 29.37
CA THR A 6 -1.87 -18.13 29.87
C THR A 6 -0.55 -18.76 29.46
N ILE A 7 -0.30 -19.98 29.96
CA ILE A 7 0.87 -20.70 29.48
C ILE A 7 0.75 -21.04 28.00
N SER A 8 -0.46 -20.98 27.40
CA SER A 8 -0.58 -21.20 25.95
C SER A 8 -0.40 -19.93 25.13
N THR A 9 -0.24 -18.78 25.76
CA THR A 9 -0.07 -17.54 25.02
C THR A 9 1.23 -17.62 24.25
N PRO A 10 1.21 -17.44 22.93
CA PRO A 10 2.48 -17.45 22.17
C PRO A 10 3.42 -16.39 22.69
N ALA A 11 4.70 -16.76 22.81
CA ALA A 11 5.73 -15.74 22.93
C ALA A 11 5.75 -14.87 21.69
N ALA A 12 5.36 -15.45 20.53
CA ALA A 12 5.35 -14.77 19.26
C ALA A 12 4.37 -13.58 19.20
N THR A 13 3.44 -13.49 20.19
CA THR A 13 2.65 -12.27 20.38
C THR A 13 3.54 -11.09 20.78
N THR A 14 4.81 -11.37 21.12
CA THR A 14 5.83 -10.45 21.61
C THR A 14 7.14 -10.62 20.85
N THR A 15 7.76 -11.79 20.96
CA THR A 15 9.13 -11.98 20.51
C THR A 15 9.24 -13.04 19.40
N PRO A 16 10.10 -12.82 18.38
CA PRO A 16 10.40 -13.88 17.41
C PRO A 16 11.67 -14.66 17.78
N ASP A 17 11.55 -15.95 18.11
CA ASP A 17 12.66 -16.73 18.65
C ASP A 17 12.96 -17.96 17.81
N LEU A 18 14.23 -18.14 17.48
CA LEU A 18 14.81 -19.38 16.99
C LEU A 18 16.32 -19.17 16.94
N ALA A 19 17.05 -20.29 16.93
CA ALA A 19 18.51 -20.25 16.98
C ALA A 19 19.11 -19.28 15.97
N ASP A 20 18.44 -19.06 14.84
CA ASP A 20 19.03 -18.27 13.75
C ASP A 20 18.91 -16.76 13.91
N GLN A 21 18.00 -16.24 14.75
CA GLN A 21 18.04 -14.78 14.78
C GLN A 21 19.31 -14.26 15.44
N GLN A 22 20.14 -15.18 15.92
CA GLN A 22 21.58 -14.95 16.08
C GLN A 22 22.30 -14.99 14.73
N GLU A 23 21.84 -15.84 13.80
CA GLU A 23 22.46 -15.94 12.49
C GLU A 23 22.08 -14.73 11.62
N LEU A 24 20.87 -14.19 11.81
CA LEU A 24 20.50 -12.98 11.08
C LEU A 24 21.23 -11.76 11.66
N GLU A 25 21.29 -11.64 12.98
CA GLU A 25 22.09 -10.58 13.60
C GLU A 25 23.53 -10.61 13.08
N ARG A 26 24.03 -11.81 12.78
CA ARG A 26 25.35 -11.97 12.16
C ARG A 26 25.30 -11.57 10.69
N ARG A 27 24.28 -12.06 9.96
CA ARG A 27 24.13 -11.70 8.54
C ARG A 27 23.91 -10.21 8.35
N VAL A 28 23.19 -9.57 9.27
CA VAL A 28 23.07 -8.12 9.26
C VAL A 28 24.42 -7.48 9.46
N ALA A 29 25.16 -7.96 10.47
CA ALA A 29 26.49 -7.44 10.76
C ALA A 29 27.40 -7.54 9.55
N GLN A 30 27.29 -8.63 8.79
CA GLN A 30 28.14 -8.79 7.63
C GLN A 30 27.82 -7.77 6.54
N VAL A 31 26.54 -7.56 6.26
CA VAL A 31 26.16 -6.60 5.23
C VAL A 31 26.60 -5.19 5.65
N VAL A 32 26.52 -4.89 6.94
CA VAL A 32 26.89 -3.57 7.42
C VAL A 32 28.39 -3.36 7.31
N SER A 33 29.18 -4.44 7.47
CA SER A 33 30.61 -4.30 7.64
C SER A 33 31.36 -3.97 6.35
N ASN A 34 30.75 -4.12 5.19
CA ASN A 34 31.39 -3.67 3.95
C ASN A 34 30.63 -2.50 3.33
N ASP A 35 29.79 -1.81 4.10
CA ASP A 35 28.88 -0.81 3.55
C ASP A 35 28.85 0.46 4.38
N PRO A 36 29.59 1.50 3.97
CA PRO A 36 29.60 2.77 4.72
C PRO A 36 28.24 3.47 4.83
N GLN A 37 27.42 3.42 3.78
CA GLN A 37 26.09 4.01 3.87
C GLN A 37 25.28 3.44 5.04
N LEU A 38 25.38 2.13 5.28
CA LEU A 38 24.53 1.50 6.29
C LEU A 38 24.98 1.81 7.71
N GLN A 39 26.28 1.91 7.94
CA GLN A 39 26.78 2.28 9.25
C GLN A 39 26.10 3.53 9.81
N ALA A 40 25.95 4.57 8.99
CA ALA A 40 25.41 5.84 9.46
C ALA A 40 23.89 5.84 9.61
N LEU A 41 23.21 4.71 9.40
CA LEU A 41 21.76 4.69 9.39
C LEU A 41 21.19 3.82 10.51
N LEU A 42 21.98 3.47 11.48
CA LEU A 42 21.38 2.71 12.56
C LEU A 42 20.57 3.65 13.47
N PRO A 43 19.52 3.13 14.11
CA PRO A 43 18.69 3.99 14.97
C PRO A 43 19.46 4.53 16.17
N ASP A 44 19.22 5.80 16.45
CA ASP A 44 19.82 6.49 17.60
C ASP A 44 18.89 6.32 18.80
N ASP A 45 19.39 5.67 19.86
CA ASP A 45 18.53 5.44 21.01
C ASP A 45 18.28 6.70 21.83
N ALA A 46 19.10 7.74 21.65
CA ALA A 46 18.80 9.02 22.27
C ALA A 46 17.64 9.72 21.56
N VAL A 47 17.61 9.66 20.23
CA VAL A 47 16.46 10.23 19.53
C VAL A 47 15.19 9.46 19.85
N SER A 48 15.28 8.12 19.94
CA SER A 48 14.10 7.31 20.25
C SER A 48 13.54 7.63 21.63
N GLY A 49 14.41 7.81 22.62
CA GLY A 49 13.91 8.11 23.96
C GLY A 49 13.26 9.48 24.05
N ALA A 50 13.78 10.46 23.33
CA ALA A 50 13.11 11.75 23.27
C ALA A 50 11.74 11.64 22.60
N VAL A 51 11.67 10.91 21.49
CA VAL A 51 10.42 10.78 20.74
C VAL A 51 9.35 10.10 21.57
N ASN A 52 9.73 9.12 22.38
CA ASN A 52 8.76 8.34 23.14
C ASN A 52 8.50 8.88 24.54
N GLU A 53 8.96 10.09 24.86
CA GLU A 53 8.65 10.67 26.16
C GLU A 53 7.13 10.79 26.32
N PRO A 54 6.57 10.24 27.40
CA PRO A 54 5.11 10.25 27.52
C PRO A 54 4.56 11.66 27.64
N GLY A 55 3.38 11.87 27.09
CA GLY A 55 2.70 13.13 27.18
C GLY A 55 3.02 14.14 26.09
N LEU A 56 3.85 13.77 25.13
CA LEU A 56 4.20 14.70 24.06
C LEU A 56 3.04 14.88 23.10
N THR A 57 2.84 16.10 22.63
CA THR A 57 1.93 16.30 21.53
C THR A 57 2.52 15.63 20.28
N LEU A 58 1.68 15.43 19.27
CA LEU A 58 2.18 14.83 18.05
C LEU A 58 3.21 15.73 17.36
N ILE A 59 2.97 17.04 17.34
CA ILE A 59 3.95 17.91 16.69
C ILE A 59 5.26 17.93 17.48
N GLU A 60 5.20 17.91 18.80
CA GLU A 60 6.44 17.87 19.57
C GLU A 60 7.24 16.60 19.29
N LEU A 61 6.59 15.45 19.22
CA LEU A 61 7.36 14.24 18.96
C LEU A 61 7.85 14.19 17.51
N ILE A 62 7.05 14.70 16.57
CA ILE A 62 7.53 14.85 15.19
C ILE A 62 8.77 15.74 15.16
N ARG A 63 8.74 16.84 15.93
CA ARG A 63 9.87 17.76 15.95
C ARG A 63 11.11 17.09 16.52
N ARG A 64 10.95 16.33 17.61
CA ARG A 64 12.12 15.66 18.20
C ARG A 64 12.71 14.63 17.26
N LEU A 65 11.86 13.97 16.44
CA LEU A 65 12.35 12.98 15.49
C LEU A 65 13.13 13.65 14.36
N LEU A 66 12.55 14.68 13.75
CA LEU A 66 13.17 15.29 12.59
C LEU A 66 14.37 16.15 12.98
N GLU A 67 14.24 17.00 14.02
CA GLU A 67 15.41 17.73 14.48
C GLU A 67 16.44 16.79 15.10
N GLY A 68 16.00 15.71 15.74
CA GLY A 68 16.94 14.81 16.38
C GLY A 68 17.85 14.08 15.40
N TYR A 69 17.31 13.65 14.26
CA TYR A 69 18.17 12.97 13.29
C TYR A 69 18.96 13.96 12.43
N GLY A 70 18.52 15.21 12.31
CA GLY A 70 19.45 16.23 11.85
C GLY A 70 19.76 16.13 10.38
N ASP A 71 21.05 16.15 10.03
CA ASP A 71 21.44 16.12 8.61
C ASP A 71 21.47 14.70 8.01
N ARG A 72 21.02 13.72 8.77
CA ARG A 72 20.88 12.36 8.25
C ARG A 72 19.91 12.37 7.07
N PRO A 73 20.24 11.69 5.97
CA PRO A 73 19.28 11.54 4.86
C PRO A 73 18.00 10.85 5.29
N ALA A 74 16.85 11.49 5.00
CA ALA A 74 15.53 10.93 5.29
C ALA A 74 14.81 10.39 4.06
N LEU A 75 14.85 11.10 2.95
CA LEU A 75 14.02 10.80 1.81
C LEU A 75 14.88 10.86 0.56
N GLY A 76 14.81 9.80 -0.25
CA GLY A 76 15.56 9.72 -1.48
C GLY A 76 14.62 9.74 -2.67
N GLN A 77 14.96 10.58 -3.65
CA GLN A 77 14.15 10.74 -4.84
C GLN A 77 15.09 10.74 -6.03
N ARG A 78 14.63 10.23 -7.18
CA ARG A 78 15.51 10.18 -8.33
C ARG A 78 15.79 11.58 -8.85
N ALA A 79 17.06 11.86 -9.15
CA ALA A 79 17.45 13.13 -9.74
C ALA A 79 16.87 13.27 -11.14
N VAL A 80 16.64 14.50 -11.57
CA VAL A 80 16.10 14.79 -12.88
C VAL A 80 17.03 15.73 -13.62
N GLU A 81 17.00 15.65 -14.94
CA GLU A 81 17.70 16.61 -15.77
C GLU A 81 16.72 17.21 -16.76
N LEU A 82 16.84 18.51 -16.97
CA LEU A 82 16.05 19.20 -17.98
C LEU A 82 16.75 19.07 -19.32
N VAL A 83 16.08 18.45 -20.28
CA VAL A 83 16.68 18.24 -21.59
C VAL A 83 15.98 19.17 -22.57
N THR A 84 16.76 20.05 -23.19
CA THR A 84 16.27 20.97 -24.19
C THR A 84 16.74 20.47 -25.55
N ASP A 85 15.80 20.00 -26.37
CA ASP A 85 16.12 19.46 -27.68
C ASP A 85 16.56 20.60 -28.62
N GLU A 86 16.95 20.24 -29.83
CA GLU A 86 17.45 21.23 -30.78
C GLU A 86 16.36 22.14 -31.34
N HIS A 87 15.10 21.87 -31.00
CA HIS A 87 13.97 22.71 -31.39
C HIS A 87 13.61 23.74 -30.33
N GLY A 88 14.19 23.64 -29.15
CA GLY A 88 13.88 24.54 -28.06
C GLY A 88 12.99 23.95 -27.01
N ALA A 89 12.42 22.78 -27.25
CA ALA A 89 11.51 22.14 -26.31
C ALA A 89 12.29 21.47 -25.19
N THR A 90 11.82 21.67 -23.96
CA THR A 90 12.48 21.19 -22.76
C THR A 90 11.61 20.15 -22.06
N THR A 91 12.18 18.97 -21.83
CA THR A 91 11.48 17.94 -21.07
C THR A 91 12.24 17.67 -19.77
N VAL A 92 11.61 16.97 -18.85
CA VAL A 92 12.29 16.50 -17.67
C VAL A 92 12.52 15.01 -17.85
N ALA A 93 13.74 14.56 -17.60
CA ALA A 93 14.12 13.17 -17.72
C ALA A 93 14.75 12.73 -16.42
N LEU A 94 14.53 11.47 -16.07
CA LEU A 94 15.16 10.92 -14.87
C LEU A 94 16.63 10.67 -15.13
N LYS A 95 17.45 10.94 -14.12
CA LYS A 95 18.84 10.51 -14.14
C LYS A 95 18.98 9.19 -13.39
N THR A 96 20.10 8.51 -13.64
CA THR A 96 20.39 7.22 -13.02
C THR A 96 21.00 7.40 -11.65
N GLU A 97 20.42 8.28 -10.84
CA GLU A 97 20.92 8.48 -9.48
C GLU A 97 19.81 9.05 -8.63
N PHE A 98 19.96 8.90 -7.32
CA PHE A 98 19.02 9.45 -6.36
C PHE A 98 19.68 10.57 -5.57
N VAL A 99 18.90 11.55 -5.16
CA VAL A 99 19.38 12.57 -4.25
C VAL A 99 18.46 12.54 -3.04
N THR A 100 18.96 13.09 -1.93
CA THR A 100 18.26 12.95 -0.66
C THR A 100 17.93 14.29 -0.03
N THR A 101 16.90 14.25 0.80
CA THR A 101 16.48 15.31 1.69
C THR A 101 16.76 14.85 3.12
N SER A 102 17.31 15.72 3.93
CA SER A 102 17.65 15.34 5.30
C SER A 102 16.41 15.40 6.20
N TYR A 103 16.54 14.80 7.38
CA TYR A 103 15.49 14.88 8.40
C TYR A 103 15.20 16.33 8.78
N ARG A 104 16.23 17.15 8.96
CA ARG A 104 15.95 18.53 9.35
C ARG A 104 15.46 19.36 8.18
N GLU A 105 15.84 19.02 6.95
CA GLU A 105 15.32 19.75 5.81
C GLU A 105 13.83 19.43 5.61
N LEU A 106 13.42 18.18 5.85
CA LEU A 106 12.00 17.87 5.84
C LEU A 106 11.24 18.75 6.83
N TRP A 107 11.75 18.87 8.06
CA TRP A 107 11.13 19.69 9.09
C TRP A 107 11.10 21.17 8.67
N ASN A 108 12.18 21.66 8.10
CA ASN A 108 12.21 23.07 7.70
C ASN A 108 11.19 23.34 6.61
N ARG A 109 11.10 22.45 5.63
CA ARG A 109 10.12 22.63 4.55
C ARG A 109 8.71 22.59 5.10
N ALA A 110 8.42 21.65 5.99
CA ALA A 110 7.10 21.57 6.62
C ALA A 110 6.74 22.88 7.30
N GLU A 111 7.67 23.45 8.07
CA GLU A 111 7.40 24.68 8.77
C GLU A 111 7.24 25.85 7.79
N ALA A 112 8.00 25.84 6.68
CA ALA A 112 7.85 26.87 5.66
C ALA A 112 6.47 26.79 5.00
N ILE A 113 6.05 25.59 4.58
CA ILE A 113 4.72 25.42 4.01
C ILE A 113 3.65 25.92 4.98
N ALA A 114 3.76 25.56 6.27
CA ALA A 114 2.76 25.98 7.24
C ALA A 114 2.73 27.50 7.37
N ALA A 115 3.91 28.13 7.40
CA ALA A 115 3.97 29.58 7.44
C ALA A 115 3.33 30.19 6.19
N ALA A 116 3.74 29.72 5.00
CA ALA A 116 3.17 30.27 3.78
C ALA A 116 1.65 30.09 3.74
N TRP A 117 1.17 28.89 4.07
CA TRP A 117 -0.26 28.63 4.02
C TRP A 117 -1.00 29.47 5.04
N TYR A 118 -0.47 29.59 6.26
CA TYR A 118 -1.11 30.42 7.27
C TYR A 118 -1.22 31.86 6.80
N ALA A 119 -0.16 32.38 6.18
CA ALA A 119 -0.22 33.73 5.63
C ALA A 119 -1.26 33.82 4.52
N GLN A 120 -1.59 32.72 3.87
CA GLN A 120 -2.63 32.71 2.86
C GLN A 120 -4.02 32.46 3.44
N GLY A 121 -4.14 32.41 4.78
CA GLY A 121 -5.44 32.28 5.43
C GLY A 121 -5.85 30.88 5.82
N ILE A 122 -4.98 29.88 5.62
CA ILE A 122 -5.27 28.49 5.98
C ILE A 122 -5.05 28.34 7.48
N ARG A 123 -5.91 27.55 8.14
CA ARG A 123 -5.96 27.53 9.59
C ARG A 123 -6.01 26.10 10.11
N ASP A 124 -5.47 25.92 11.31
CA ASP A 124 -5.70 24.76 12.15
C ASP A 124 -7.16 24.31 12.03
N GLY A 125 -7.37 23.04 11.66
CA GLY A 125 -8.69 22.46 11.55
C GLY A 125 -9.23 22.42 10.14
N ASP A 126 -8.64 23.15 9.21
CA ASP A 126 -9.00 23.09 7.80
C ASP A 126 -8.67 21.73 7.23
N PHE A 127 -9.50 21.28 6.29
CA PHE A 127 -9.23 20.05 5.56
C PHE A 127 -8.42 20.39 4.32
N VAL A 128 -7.45 19.52 4.00
CA VAL A 128 -6.53 19.71 2.89
C VAL A 128 -6.59 18.49 1.99
N ALA A 129 -7.17 18.65 0.80
CA ALA A 129 -7.22 17.56 -0.17
C ALA A 129 -5.88 17.45 -0.84
N GLN A 130 -5.39 16.22 -1.02
CA GLN A 130 -4.06 16.02 -1.59
C GLN A 130 -4.15 14.93 -2.64
N LEU A 131 -3.82 15.24 -3.89
CA LEU A 131 -4.00 14.33 -5.02
C LEU A 131 -2.64 14.09 -5.67
N GLY A 132 -2.10 12.91 -5.49
CA GLY A 132 -0.80 12.62 -6.06
C GLY A 132 -0.46 11.17 -5.79
N PHE A 133 0.81 10.85 -5.96
CA PHE A 133 1.21 9.46 -5.80
C PHE A 133 1.83 9.29 -4.40
N THR A 134 3.15 9.38 -4.33
CA THR A 134 3.91 9.43 -3.10
C THR A 134 5.27 9.98 -3.53
N SER A 135 5.79 10.96 -2.80
CA SER A 135 7.02 11.62 -3.21
C SER A 135 7.50 12.47 -2.05
N THR A 136 8.70 13.06 -2.23
CA THR A 136 9.23 13.93 -1.18
C THR A 136 8.30 15.10 -0.92
N ASP A 137 7.76 15.68 -2.00
CA ASP A 137 6.86 16.81 -1.84
C ASP A 137 5.64 16.37 -1.04
N PHE A 138 5.15 15.17 -1.31
CA PHE A 138 3.99 14.64 -0.59
C PHE A 138 4.31 14.45 0.88
N ALA A 139 5.50 13.93 1.19
CA ALA A 139 5.90 13.84 2.59
C ALA A 139 5.99 15.22 3.23
N SER A 140 6.50 16.22 2.50
CA SER A 140 6.53 17.58 3.04
C SER A 140 5.13 18.09 3.35
N LEU A 141 4.17 17.87 2.44
CA LEU A 141 2.80 18.29 2.68
C LEU A 141 2.21 17.61 3.90
N ASP A 142 2.55 16.33 4.12
CA ASP A 142 1.97 15.58 5.22
C ASP A 142 2.44 16.13 6.56
N VAL A 143 3.76 16.33 6.69
CA VAL A 143 4.26 16.91 7.92
C VAL A 143 3.82 18.35 8.05
N ALA A 144 3.71 19.09 6.93
CA ALA A 144 3.21 20.47 7.04
C ALA A 144 1.81 20.47 7.65
N GLY A 145 0.99 19.48 7.28
CA GLY A 145 -0.34 19.36 7.86
C GLY A 145 -0.28 19.19 9.36
N LEU A 146 0.59 18.31 9.84
CA LEU A 146 0.72 18.11 11.29
C LEU A 146 1.16 19.39 11.98
N ARG A 147 1.99 20.18 11.30
CA ARG A 147 2.50 21.42 11.88
C ARG A 147 1.43 22.52 11.93
N LEU A 148 0.60 22.60 10.89
CA LEU A 148 -0.43 23.62 10.86
C LEU A 148 -1.68 23.17 11.60
N GLY A 149 -1.86 21.86 11.78
CA GLY A 149 -3.05 21.36 12.44
C GLY A 149 -4.22 21.13 11.52
N THR A 150 -3.99 21.01 10.21
CA THR A 150 -5.03 20.69 9.25
C THR A 150 -5.31 19.18 9.24
N VAL A 151 -6.30 18.78 8.47
CA VAL A 151 -6.62 17.38 8.25
C VAL A 151 -6.23 17.06 6.83
N SER A 152 -5.24 16.17 6.68
CA SER A 152 -4.88 15.64 5.36
C SER A 152 -5.94 14.69 4.81
N VAL A 153 -6.34 14.93 3.56
CA VAL A 153 -7.27 14.05 2.88
C VAL A 153 -6.59 13.59 1.60
N PRO A 154 -5.74 12.53 1.66
CA PRO A 154 -5.09 12.00 0.46
C PRO A 154 -6.08 11.22 -0.39
N LEU A 155 -6.37 11.74 -1.58
CA LEU A 155 -7.40 11.17 -2.42
C LEU A 155 -6.87 10.04 -3.30
N GLN A 156 -7.69 9.01 -3.50
CA GLN A 156 -7.32 7.93 -4.42
C GLN A 156 -7.35 8.42 -5.87
N THR A 157 -6.23 8.28 -6.57
CA THR A 157 -6.14 8.83 -7.91
C THR A 157 -7.00 8.07 -8.93
N GLY A 158 -7.34 6.82 -8.66
CA GLY A 158 -8.23 6.09 -9.54
C GLY A 158 -9.71 6.16 -9.23
N ALA A 159 -10.13 6.93 -8.21
CA ALA A 159 -11.54 7.05 -7.84
C ALA A 159 -12.31 7.88 -8.87
N SER A 160 -13.61 7.62 -8.99
CA SER A 160 -14.41 8.36 -9.96
C SER A 160 -14.54 9.82 -9.56
N VAL A 161 -14.69 10.69 -10.57
CA VAL A 161 -14.93 12.11 -10.32
C VAL A 161 -16.15 12.30 -9.42
N GLN A 162 -17.26 11.64 -9.75
CA GLN A 162 -18.48 11.80 -8.94
C GLN A 162 -18.17 11.55 -7.47
N GLN A 163 -17.42 10.48 -7.15
CA GLN A 163 -17.18 10.19 -5.74
C GLN A 163 -16.13 11.12 -5.14
N ARG A 164 -15.09 11.47 -5.90
CA ARG A 164 -14.14 12.46 -5.42
CA ARG A 164 -14.14 12.46 -5.42
C ARG A 164 -14.83 13.78 -5.09
N ASN A 165 -15.73 14.24 -5.96
CA ASN A 165 -16.36 15.53 -5.66
C ASN A 165 -17.26 15.42 -4.43
N ALA A 166 -17.87 14.24 -4.20
CA ALA A 166 -18.71 14.07 -3.02
C ALA A 166 -17.88 14.12 -1.74
N ILE A 167 -16.68 13.58 -1.78
CA ILE A 167 -15.79 13.68 -0.64
C ILE A 167 -15.42 15.14 -0.39
N LEU A 168 -15.07 15.86 -1.46
CA LEU A 168 -14.85 17.31 -1.38
C LEU A 168 -16.05 18.05 -0.81
N GLU A 169 -17.25 17.72 -1.29
CA GLU A 169 -18.47 18.35 -0.76
C GLU A 169 -18.58 18.17 0.74
N GLU A 170 -18.15 17.00 1.23
CA GLU A 170 -18.30 16.64 2.64
C GLU A 170 -17.19 17.24 3.50
N THR A 171 -15.97 17.36 2.96
CA THR A 171 -14.88 17.89 3.76
C THR A 171 -14.68 19.41 3.60
N GLN A 172 -15.26 20.04 2.58
CA GLN A 172 -15.13 21.48 2.33
C GLN A 172 -13.68 21.96 2.54
N PRO A 173 -12.71 21.34 1.87
CA PRO A 173 -11.31 21.75 2.08
C PRO A 173 -11.07 23.18 1.62
N THR A 174 -10.20 23.88 2.35
CA THR A 174 -9.75 25.20 1.92
C THR A 174 -8.52 25.13 1.01
N VAL A 175 -7.86 23.98 0.98
CA VAL A 175 -6.66 23.75 0.18
C VAL A 175 -6.86 22.51 -0.67
N PHE A 176 -6.44 22.60 -1.93
CA PHE A 176 -6.32 21.42 -2.80
C PHE A 176 -4.89 21.38 -3.28
N ALA A 177 -4.15 20.34 -2.89
CA ALA A 177 -2.77 20.13 -3.32
C ALA A 177 -2.73 19.03 -4.37
N ALA A 178 -2.04 19.27 -5.48
CA ALA A 178 -2.01 18.30 -6.57
C ALA A 178 -0.62 18.24 -7.19
N SER A 179 -0.13 17.02 -7.44
CA SER A 179 1.06 16.87 -8.27
C SER A 179 0.69 17.19 -9.72
N VAL A 180 1.69 17.59 -10.50
CA VAL A 180 1.42 18.08 -11.86
C VAL A 180 0.77 16.99 -12.70
N GLU A 181 1.16 15.75 -12.47
CA GLU A 181 0.59 14.57 -13.12
C GLU A 181 -0.94 14.61 -13.09
N TYR A 182 -1.53 15.09 -12.00
CA TYR A 182 -2.99 15.03 -11.81
C TYR A 182 -3.64 16.41 -11.81
N LEU A 183 -3.00 17.42 -12.44
CA LEU A 183 -3.54 18.78 -12.33
C LEU A 183 -4.90 18.93 -13.02
N GLU A 184 -5.09 18.30 -14.18
CA GLU A 184 -6.37 18.46 -14.87
C GLU A 184 -7.52 17.93 -14.02
N ALA A 185 -7.35 16.72 -13.45
CA ALA A 185 -8.34 16.18 -12.53
C ALA A 185 -8.55 17.10 -11.33
N ALA A 186 -7.46 17.68 -10.81
CA ALA A 186 -7.55 18.65 -9.72
C ALA A 186 -8.38 19.87 -10.10
N VAL A 187 -8.19 20.40 -11.30
CA VAL A 187 -8.94 21.60 -11.61
C VAL A 187 -10.42 21.29 -11.73
N ASP A 188 -10.77 20.14 -12.33
CA ASP A 188 -12.18 19.75 -12.40
C ASP A 188 -12.80 19.76 -11.02
N SER A 189 -12.09 19.23 -10.02
CA SER A 189 -12.64 19.11 -8.67
C SER A 189 -12.59 20.42 -7.91
N VAL A 190 -11.59 21.25 -8.17
CA VAL A 190 -11.58 22.59 -7.60
C VAL A 190 -12.74 23.43 -8.12
N LEU A 191 -13.01 23.38 -9.43
CA LEU A 191 -14.14 24.16 -9.96
C LEU A 191 -15.46 23.76 -9.32
N ALA A 192 -15.59 22.50 -8.91
CA ALA A 192 -16.78 21.99 -8.26
C ALA A 192 -16.80 22.21 -6.76
N THR A 193 -15.72 22.74 -6.18
CA THR A 193 -15.55 22.81 -4.73
C THR A 193 -15.18 24.23 -4.34
N PRO A 194 -16.19 25.12 -4.22
CA PRO A 194 -15.92 26.55 -3.97
C PRO A 194 -15.16 26.84 -2.69
N SER A 195 -15.20 25.96 -1.70
CA SER A 195 -14.44 26.19 -0.47
C SER A 195 -12.94 26.31 -0.72
N VAL A 196 -12.43 25.79 -1.83
CA VAL A 196 -10.97 25.78 -1.99
C VAL A 196 -10.50 27.20 -2.27
N GLN A 197 -9.66 27.73 -1.37
CA GLN A 197 -9.04 29.05 -1.56
C GLN A 197 -7.63 28.97 -2.12
N LEU A 198 -7.00 27.80 -2.07
CA LEU A 198 -5.59 27.67 -2.42
C LEU A 198 -5.37 26.39 -3.21
N LEU A 199 -4.79 26.51 -4.39
CA LEU A 199 -4.42 25.33 -5.16
C LEU A 199 -2.90 25.23 -5.12
N SER A 200 -2.39 24.16 -4.51
CA SER A 200 -0.96 24.05 -4.27
C SER A 200 -0.43 22.94 -5.16
N VAL A 201 0.54 23.25 -6.00
CA VAL A 201 1.00 22.33 -7.03
C VAL A 201 2.37 21.80 -6.63
N PHE A 202 2.53 20.49 -6.65
CA PHE A 202 3.80 19.90 -6.27
C PHE A 202 4.27 18.92 -7.35
N ASP A 203 5.40 18.25 -7.08
CA ASP A 203 6.14 17.48 -8.08
C ASP A 203 6.21 18.22 -9.42
N TYR A 204 6.64 19.48 -9.35
CA TYR A 204 6.47 20.45 -10.43
C TYR A 204 7.83 20.97 -10.89
N HIS A 205 8.09 20.89 -12.20
CA HIS A 205 9.33 21.39 -12.82
C HIS A 205 8.99 22.42 -13.88
N PRO A 206 8.93 23.70 -13.52
CA PRO A 206 8.37 24.71 -14.46
C PRO A 206 9.22 24.93 -15.70
N GLU A 207 10.50 24.56 -15.70
CA GLU A 207 11.29 24.70 -16.91
C GLU A 207 10.91 23.66 -17.97
N ALA A 208 10.23 22.60 -17.59
CA ALA A 208 9.71 21.64 -18.56
C ALA A 208 8.46 22.22 -19.22
N ASP A 209 8.47 22.30 -20.56
CA ASP A 209 7.37 22.94 -21.28
C ASP A 209 6.01 22.38 -20.87
N ALA A 210 5.93 21.04 -20.69
CA ALA A 210 4.67 20.40 -20.34
C ALA A 210 4.18 20.82 -18.97
N HIS A 211 5.10 21.01 -18.01
CA HIS A 211 4.63 21.39 -16.68
C HIS A 211 4.13 22.83 -16.70
N ARG A 212 4.88 23.70 -17.39
CA ARG A 212 4.51 25.08 -17.59
C ARG A 212 3.15 25.20 -18.25
N ALA A 213 2.91 24.40 -19.29
CA ALA A 213 1.64 24.47 -20.00
C ALA A 213 0.49 23.99 -19.12
N ALA A 214 0.71 22.94 -18.32
CA ALA A 214 -0.34 22.47 -17.40
C ALA A 214 -0.73 23.57 -16.42
N LEU A 215 0.25 24.30 -15.89
CA LEU A 215 -0.06 25.38 -14.95
C LEU A 215 -0.80 26.52 -15.62
N SER A 216 -0.40 26.90 -16.84
CA SER A 216 -1.11 27.99 -17.51
C SER A 216 -2.56 27.62 -17.80
N ALA A 217 -2.82 26.34 -18.09
CA ALA A 217 -4.18 25.93 -18.36
C ALA A 217 -5.01 25.97 -17.08
N VAL A 218 -4.43 25.53 -15.97
CA VAL A 218 -5.05 25.68 -14.66
C VAL A 218 -5.45 27.12 -14.40
N ARG A 219 -4.50 28.05 -14.63
CA ARG A 219 -4.84 29.44 -14.34
C ARG A 219 -5.89 29.95 -15.32
N ASP A 220 -5.83 29.48 -16.57
CA ASP A 220 -6.81 29.89 -17.57
C ASP A 220 -8.21 29.44 -17.17
N ARG A 221 -8.34 28.17 -16.80
CA ARG A 221 -9.65 27.63 -16.45
C ARG A 221 -10.21 28.28 -15.18
N LEU A 222 -9.38 28.47 -14.15
CA LEU A 222 -9.90 29.05 -12.90
C LEU A 222 -10.24 30.53 -13.06
N GLU A 223 -9.53 31.25 -13.94
CA GLU A 223 -9.87 32.63 -14.21
C GLU A 223 -11.19 32.71 -14.99
N THR A 224 -11.35 31.87 -16.02
CA THR A 224 -12.59 31.88 -16.80
C THR A 224 -13.80 31.60 -15.89
N ALA A 225 -13.62 30.76 -14.89
CA ALA A 225 -14.69 30.49 -13.94
C ALA A 225 -14.93 31.64 -12.98
N GLY A 226 -14.13 32.70 -13.05
CA GLY A 226 -14.28 33.82 -12.14
C GLY A 226 -13.94 33.47 -10.70
N ARG A 227 -13.01 32.52 -10.50
CA ARG A 227 -12.67 32.04 -9.17
C ARG A 227 -11.57 32.89 -8.55
N THR A 228 -11.82 33.45 -7.37
CA THR A 228 -10.74 34.07 -6.62
C THR A 228 -10.03 32.95 -5.86
N ILE A 229 -8.79 32.70 -6.24
CA ILE A 229 -8.08 31.54 -5.73
C ILE A 229 -6.61 31.80 -5.94
N THR A 230 -5.82 31.34 -5.01
CA THR A 230 -4.37 31.44 -5.13
C THR A 230 -3.88 30.13 -5.72
N ILE A 231 -3.21 30.21 -6.87
CA ILE A 231 -2.52 29.08 -7.48
C ILE A 231 -1.03 29.29 -7.24
N ASP A 232 -0.40 28.36 -6.50
CA ASP A 232 0.92 28.52 -5.90
C ASP A 232 1.72 27.23 -5.92
N SER A 233 2.92 27.25 -6.51
CA SER A 233 3.78 26.06 -6.46
C SER A 233 4.24 25.75 -5.04
N LEU A 234 4.37 24.46 -4.71
CA LEU A 234 4.92 24.10 -3.41
C LEU A 234 6.34 24.62 -3.25
N GLY A 235 7.11 24.62 -4.34
CA GLY A 235 8.47 25.13 -4.26
C GLY A 235 8.52 26.58 -3.85
N ASP A 236 7.69 27.43 -4.48
CA ASP A 236 7.73 28.84 -4.10
C ASP A 236 7.10 29.06 -2.74
N ALA A 237 6.08 28.27 -2.37
CA ALA A 237 5.54 28.38 -1.01
C ALA A 237 6.64 28.16 0.03
N ILE A 238 7.46 27.11 -0.17
CA ILE A 238 8.60 26.83 0.71
C ILE A 238 9.57 28.00 0.72
N ALA A 239 10.01 28.44 -0.46
CA ALA A 239 10.94 29.57 -0.53
C ALA A 239 10.41 30.79 0.20
N ARG A 240 9.16 31.17 -0.06
CA ARG A 240 8.63 32.37 0.59
C ARG A 240 8.35 32.11 2.06
N GLY A 241 7.91 30.90 2.41
CA GLY A 241 7.58 30.58 3.78
C GLY A 241 8.77 30.60 4.73
N ARG A 242 9.98 30.40 4.21
CA ARG A 242 11.18 30.45 5.04
C ARG A 242 11.34 31.79 5.73
N GLU A 243 10.80 32.87 5.17
CA GLU A 243 10.94 34.21 5.72
C GLU A 243 9.65 34.75 6.33
N LEU A 244 8.57 33.98 6.35
CA LEU A 244 7.32 34.49 6.90
C LEU A 244 7.19 34.13 8.37
N PRO A 245 6.33 34.82 9.13
CA PRO A 245 6.13 34.46 10.54
C PRO A 245 5.70 33.01 10.71
N ALA A 246 6.15 32.41 11.81
CA ALA A 246 5.78 31.02 12.11
C ALA A 246 4.27 30.88 12.21
N ALA A 247 3.75 29.74 11.76
CA ALA A 247 2.37 29.42 12.02
C ALA A 247 2.16 29.18 13.51
N PRO A 248 0.95 29.45 14.02
CA PRO A 248 0.66 29.11 15.41
C PRO A 248 0.79 27.61 15.61
N GLN A 249 1.09 27.24 16.85
CA GLN A 249 1.16 25.82 17.19
C GLN A 249 -0.21 25.18 17.01
N PRO A 250 -0.24 23.95 16.51
CA PRO A 250 -1.54 23.31 16.25
C PRO A 250 -2.18 22.83 17.55
N SER A 251 -3.50 22.57 17.48
CA SER A 251 -4.24 22.10 18.64
C SER A 251 -3.52 20.92 19.29
N GLU A 252 -3.65 20.79 20.60
CA GLU A 252 -2.93 19.75 21.31
C GLU A 252 -3.76 18.51 21.60
N ASP A 253 -5.08 18.62 21.55
CA ASP A 253 -6.00 17.55 21.86
C ASP A 253 -5.63 16.26 21.11
N PRO A 254 -5.28 15.17 21.81
CA PRO A 254 -4.97 13.91 21.13
C PRO A 254 -6.08 13.42 20.22
N ASP A 255 -7.32 13.81 20.44
CA ASP A 255 -8.44 13.35 19.63
C ASP A 255 -8.69 14.25 18.42
N ALA A 256 -7.99 15.37 18.30
CA ALA A 256 -8.13 16.19 17.11
C ALA A 256 -7.77 15.42 15.85
N LEU A 257 -8.61 15.56 14.82
CA LEU A 257 -8.42 14.89 13.55
C LEU A 257 -7.19 15.41 12.82
N ARG A 258 -6.38 14.50 12.26
CA ARG A 258 -5.20 14.90 11.47
C ARG A 258 -5.14 14.29 10.09
N LEU A 259 -5.88 13.21 9.83
CA LEU A 259 -5.80 12.50 8.59
C LEU A 259 -7.09 11.72 8.40
N LEU A 260 -7.56 11.64 7.15
CA LEU A 260 -8.61 10.71 6.76
C LEU A 260 -8.04 9.75 5.73
N ILE A 261 -8.31 8.46 5.90
CA ILE A 261 -7.90 7.45 4.93
C ILE A 261 -9.16 6.76 4.46
N TYR A 262 -9.46 6.94 3.17
CA TYR A 262 -10.72 6.44 2.63
C TYR A 262 -10.60 4.98 2.24
N THR A 263 -11.71 4.28 2.41
CA THR A 263 -11.78 2.87 2.10
C THR A 263 -13.20 2.57 1.64
N SER A 264 -13.33 1.56 0.79
CA SER A 264 -14.60 1.17 0.19
CA SER A 264 -14.60 1.17 0.20
C SER A 264 -14.92 -0.28 0.53
N GLY A 265 -16.20 -0.55 0.74
CA GLY A 265 -16.69 -1.89 0.91
C GLY A 265 -17.40 -2.38 -0.33
N SER A 266 -18.30 -3.35 -0.13
CA SER A 266 -19.01 -3.99 -1.23
C SER A 266 -19.94 -3.02 -1.95
N THR A 267 -20.42 -1.98 -1.27
CA THR A 267 -21.27 -0.98 -1.91
C THR A 267 -20.49 -0.09 -2.88
N GLY A 268 -19.18 0.01 -2.70
CA GLY A 268 -18.40 0.94 -3.47
C GLY A 268 -18.47 2.38 -3.00
N THR A 269 -19.11 2.66 -1.86
CA THR A 269 -19.21 4.02 -1.34
C THR A 269 -18.06 4.28 -0.39
N PRO A 270 -17.11 5.17 -0.73
CA PRO A 270 -15.99 5.40 0.16
C PRO A 270 -16.44 6.04 1.46
N LYS A 271 -15.72 5.69 2.53
CA LYS A 271 -15.95 6.27 3.84
C LYS A 271 -14.59 6.58 4.45
N GLY A 272 -14.50 7.68 5.16
CA GLY A 272 -13.21 8.20 5.58
C GLY A 272 -12.87 7.74 6.98
N ALA A 273 -11.88 6.84 7.09
CA ALA A 273 -11.47 6.41 8.43
C ALA A 273 -10.74 7.54 9.12
N MET A 274 -11.17 7.87 10.33
CA MET A 274 -10.66 9.04 11.02
C MET A 274 -9.36 8.68 11.71
N TYR A 275 -8.30 9.43 11.42
CA TYR A 275 -7.03 9.27 12.13
C TYR A 275 -6.74 10.50 13.00
N PRO A 276 -7.00 10.45 14.30
CA PRO A 276 -6.71 11.58 15.16
C PRO A 276 -5.21 11.59 15.52
N GLN A 277 -4.81 12.63 16.24
CA GLN A 277 -3.41 12.83 16.58
C GLN A 277 -2.79 11.58 17.20
N TRP A 278 -3.49 10.98 18.16
CA TRP A 278 -2.87 9.84 18.83
C TRP A 278 -2.68 8.67 17.86
N LEU A 279 -3.59 8.49 16.90
CA LEU A 279 -3.43 7.35 15.98
C LEU A 279 -2.36 7.63 14.93
N VAL A 280 -2.27 8.87 14.42
CA VAL A 280 -1.14 9.25 13.56
C VAL A 280 0.20 9.04 14.28
N ALA A 281 0.27 9.40 15.58
CA ALA A 281 1.52 9.22 16.35
C ALA A 281 1.99 7.76 16.33
N ASN A 282 1.06 6.82 16.46
CA ASN A 282 1.41 5.40 16.38
C ASN A 282 2.18 5.08 15.09
N LEU A 283 1.77 5.66 13.96
CA LEU A 283 2.47 5.35 12.72
C LEU A 283 3.93 5.80 12.75
N TRP A 284 4.21 6.88 13.46
CA TRP A 284 5.53 7.48 13.52
C TRP A 284 6.39 6.94 14.65
N GLN A 285 5.77 6.29 15.64
CA GLN A 285 6.54 5.76 16.76
C GLN A 285 6.86 4.29 16.63
N LYS A 286 6.03 3.50 15.94
CA LYS A 286 6.18 2.06 15.97
C LYS A 286 6.14 1.50 14.56
N LYS A 287 7.29 0.97 14.11
CA LYS A 287 7.35 0.19 12.88
C LYS A 287 6.50 -1.06 13.00
N TRP A 288 5.72 -1.34 11.97
CA TRP A 288 4.94 -2.57 11.97
C TRP A 288 5.90 -3.75 11.96
N LEU A 289 5.91 -4.53 13.03
CA LEU A 289 6.47 -5.86 12.94
C LEU A 289 7.98 -5.81 12.67
N THR A 290 8.79 -5.42 13.65
CA THR A 290 10.23 -5.36 13.44
C THR A 290 10.81 -6.74 13.73
N THR A 291 11.53 -7.30 12.76
CA THR A 291 12.19 -8.58 12.98
C THR A 291 13.36 -8.41 13.95
N THR A 292 14.17 -7.36 13.75
CA THR A 292 15.23 -6.92 14.64
C THR A 292 15.77 -5.61 14.07
N VAL A 293 16.68 -5.00 14.83
CA VAL A 293 17.15 -3.66 14.52
C VAL A 293 18.14 -3.72 13.37
N ILE A 294 17.82 -3.06 12.26
CA ILE A 294 18.70 -3.06 11.11
C ILE A 294 18.82 -1.63 10.58
N PRO A 295 19.94 -1.28 9.95
CA PRO A 295 19.94 -0.05 9.15
C PRO A 295 18.87 -0.18 8.07
N SER A 296 18.00 0.82 8.00
CA SER A 296 16.79 0.78 7.20
C SER A 296 16.93 1.65 5.97
N VAL A 297 17.15 1.03 4.83
CA VAL A 297 16.98 1.69 3.56
C VAL A 297 15.71 1.11 2.99
N GLY A 298 14.64 1.91 2.94
CA GLY A 298 13.33 1.44 2.52
C GLY A 298 12.93 1.97 1.16
N VAL A 299 11.76 1.50 0.73
CA VAL A 299 11.24 1.74 -0.61
C VAL A 299 9.80 2.18 -0.46
N ASN A 300 9.47 3.34 -0.98
CA ASN A 300 8.10 3.82 -1.02
C ASN A 300 7.58 3.60 -2.44
N PHE A 301 6.58 2.73 -2.58
CA PHE A 301 5.93 2.48 -3.87
C PHE A 301 4.42 2.47 -3.78
N MET A 302 3.87 2.58 -2.61
CA MET A 302 2.42 2.59 -2.45
C MET A 302 1.97 4.03 -2.22
N PRO A 303 0.79 4.42 -2.69
CA PRO A 303 0.38 5.84 -2.57
C PRO A 303 0.09 6.26 -1.14
N MET A 304 0.22 7.56 -0.93
CA MET A 304 -0.10 8.14 0.37
C MET A 304 -1.59 8.02 0.69
N SER A 305 -2.43 7.70 -0.29
CA SER A 305 -3.84 7.46 0.03
C SER A 305 -4.06 6.12 0.73
N HIS A 306 -3.04 5.30 0.88
CA HIS A 306 -3.20 3.95 1.44
C HIS A 306 -2.29 3.77 2.65
N LEU A 307 -2.81 3.09 3.68
CA LEU A 307 -2.04 2.89 4.90
C LEU A 307 -0.67 2.32 4.60
N ALA A 308 -0.58 1.40 3.64
CA ALA A 308 0.69 0.74 3.36
C ALA A 308 1.75 1.70 2.86
N GLY A 309 1.35 2.78 2.19
CA GLY A 309 2.34 3.79 1.81
C GLY A 309 2.86 4.54 3.01
N ARG A 310 2.06 4.63 4.08
CA ARG A 310 2.47 5.31 5.30
C ARG A 310 3.30 4.38 6.18
N LEU A 311 3.01 3.08 6.13
CA LEU A 311 3.81 2.11 6.89
C LEU A 311 5.26 2.12 6.44
N THR A 312 5.52 2.15 5.14
CA THR A 312 6.91 2.20 4.70
C THR A 312 7.53 3.54 4.97
N LEU A 313 6.79 4.63 4.73
CA LEU A 313 7.41 5.94 4.89
C LEU A 313 7.67 6.25 6.35
N MET A 314 6.63 6.25 7.18
CA MET A 314 6.80 6.65 8.58
C MET A 314 7.51 5.56 9.36
N GLY A 315 7.31 4.30 8.99
CA GLY A 315 8.12 3.22 9.58
C GLY A 315 9.61 3.43 9.40
N THR A 316 10.04 3.71 8.18
CA THR A 316 11.46 3.98 7.94
C THR A 316 11.97 5.20 8.72
N LEU A 317 11.23 6.31 8.70
CA LEU A 317 11.71 7.49 9.41
C LEU A 317 11.68 7.27 10.91
N SER A 318 10.75 6.44 11.40
CA SER A 318 10.64 6.29 12.85
C SER A 318 11.96 5.83 13.46
N GLY A 319 12.75 5.08 12.71
CA GLY A 319 13.97 4.52 13.25
C GLY A 319 15.22 5.09 12.64
N GLY A 320 15.13 6.30 12.07
CA GLY A 320 16.31 6.93 11.50
C GLY A 320 16.80 6.36 10.19
N GLY A 321 15.92 5.70 9.42
CA GLY A 321 16.30 5.21 8.11
C GLY A 321 16.22 6.29 7.02
N THR A 322 16.48 5.85 5.79
CA THR A 322 16.28 6.67 4.58
C THR A 322 15.27 5.97 3.69
N ALA A 323 14.21 6.67 3.33
CA ALA A 323 13.13 6.09 2.53
C ALA A 323 13.23 6.60 1.10
N TYR A 324 13.35 5.69 0.14
CA TYR A 324 13.55 6.05 -1.26
C TYR A 324 12.27 5.81 -2.05
N TYR A 325 11.94 6.76 -2.93
CA TYR A 325 10.70 6.71 -3.69
C TYR A 325 10.87 6.02 -5.05
N ILE A 326 9.99 5.08 -5.35
CA ILE A 326 9.84 4.63 -6.73
C ILE A 326 9.39 5.82 -7.58
N ALA A 327 9.99 5.98 -8.76
CA ALA A 327 9.83 7.16 -9.58
C ALA A 327 8.65 7.11 -10.54
N SER A 328 7.79 6.10 -10.46
CA SER A 328 6.68 5.98 -11.40
C SER A 328 5.46 5.44 -10.66
N SER A 329 4.30 6.12 -10.82
CA SER A 329 3.08 5.65 -10.15
C SER A 329 2.59 4.32 -10.69
N ASP A 330 2.92 3.98 -11.93
CA ASP A 330 2.55 2.68 -12.47
C ASP A 330 3.61 1.60 -12.23
N LEU A 331 4.65 1.89 -11.43
CA LEU A 331 5.70 0.91 -11.12
C LEU A 331 6.48 0.48 -12.36
N SER A 332 6.37 1.18 -13.48
CA SER A 332 7.18 0.81 -14.63
C SER A 332 8.68 0.98 -14.36
N THR A 333 9.08 1.85 -13.42
CA THR A 333 10.50 1.98 -13.10
C THR A 333 10.91 1.14 -11.90
N PHE A 334 10.01 0.29 -11.38
CA PHE A 334 10.24 -0.40 -10.11
C PHE A 334 11.62 -1.05 -10.06
N PHE A 335 11.95 -1.87 -11.05
CA PHE A 335 13.19 -2.64 -10.94
C PHE A 335 14.42 -1.81 -11.25
N GLU A 336 14.31 -0.84 -12.18
CA GLU A 336 15.39 0.12 -12.35
C GLU A 336 15.64 0.88 -11.05
N ASP A 337 14.57 1.21 -10.34
CA ASP A 337 14.69 2.01 -9.13
C ASP A 337 15.32 1.22 -7.99
N ILE A 338 14.83 0.01 -7.72
CA ILE A 338 15.33 -0.69 -6.56
C ILE A 338 16.77 -1.13 -6.77
N ALA A 339 17.21 -1.30 -8.02
CA ALA A 339 18.60 -1.66 -8.26
C ALA A 339 19.54 -0.51 -7.87
N LEU A 340 19.07 0.73 -8.00
CA LEU A 340 19.83 1.88 -7.53
C LEU A 340 19.68 2.10 -6.02
N ILE A 341 18.48 1.85 -5.47
CA ILE A 341 18.23 2.06 -4.05
C ILE A 341 19.01 1.06 -3.20
N ARG A 342 18.97 -0.21 -3.59
CA ARG A 342 19.53 -1.31 -2.82
C ARG A 342 18.97 -1.32 -1.39
N PRO A 343 17.65 -1.45 -1.25
CA PRO A 343 17.06 -1.39 0.09
C PRO A 343 17.53 -2.51 0.98
N THR A 344 17.48 -2.25 2.29
CA THR A 344 17.61 -3.33 3.26
C THR A 344 16.27 -3.89 3.73
N GLU A 345 15.16 -3.20 3.46
CA GLU A 345 13.83 -3.57 3.94
C GLU A 345 12.82 -3.34 2.84
N VAL A 346 11.98 -4.33 2.52
CA VAL A 346 10.92 -4.14 1.54
C VAL A 346 9.62 -4.64 2.15
N LEU A 347 8.59 -3.81 2.13
CA LEU A 347 7.24 -4.22 2.52
C LEU A 347 6.43 -4.33 1.23
N PHE A 348 6.28 -5.55 0.73
CA PHE A 348 5.54 -5.85 -0.50
C PHE A 348 4.02 -5.83 -0.27
N VAL A 349 3.28 -5.78 -1.37
CA VAL A 349 1.91 -6.26 -1.43
C VAL A 349 1.90 -7.39 -2.43
N PRO A 350 0.90 -8.28 -2.39
CA PRO A 350 0.94 -9.45 -3.28
C PRO A 350 1.10 -9.14 -4.75
N ARG A 351 0.41 -8.11 -5.27
CA ARG A 351 0.53 -7.78 -6.69
C ARG A 351 2.00 -7.57 -7.09
N VAL A 352 2.79 -6.96 -6.22
CA VAL A 352 4.18 -6.71 -6.58
C VAL A 352 5.01 -7.99 -6.48
N VAL A 353 4.75 -8.83 -5.47
CA VAL A 353 5.36 -10.16 -5.45
C VAL A 353 5.07 -10.89 -6.77
N GLU A 354 3.80 -10.87 -7.20
CA GLU A 354 3.45 -11.56 -8.43
C GLU A 354 4.25 -11.01 -9.62
N MET A 355 4.52 -9.70 -9.63
CA MET A 355 5.35 -9.09 -10.66
C MET A 355 6.79 -9.60 -10.62
N VAL A 356 7.36 -9.74 -9.42
CA VAL A 356 8.71 -10.30 -9.29
C VAL A 356 8.75 -11.73 -9.78
N PHE A 357 7.75 -12.54 -9.40
CA PHE A 357 7.72 -13.93 -9.87
C PHE A 357 7.63 -13.99 -11.40
N GLN A 358 6.84 -13.11 -11.99
CA GLN A 358 6.72 -13.11 -13.44
C GLN A 358 8.05 -12.72 -14.10
N ARG A 359 8.76 -11.74 -13.52
CA ARG A 359 10.07 -11.36 -14.02
C ARG A 359 10.99 -12.57 -14.04
N TYR A 360 11.03 -13.29 -12.92
CA TYR A 360 11.81 -14.53 -12.82
C TYR A 360 11.39 -15.54 -13.87
N GLN A 361 10.07 -15.73 -14.06
CA GLN A 361 9.62 -16.77 -14.98
C GLN A 361 10.02 -16.42 -16.41
N ALA A 362 9.93 -15.14 -16.76
CA ALA A 362 10.28 -14.72 -18.11
C ALA A 362 11.78 -14.86 -18.33
N GLU A 363 12.59 -14.50 -17.33
CA GLU A 363 14.03 -14.70 -17.47
C GLU A 363 14.36 -16.18 -17.60
N LEU A 364 13.67 -17.03 -16.84
CA LEU A 364 13.90 -18.47 -16.96
C LEU A 364 13.57 -18.97 -18.36
N ASP A 365 12.44 -18.54 -18.92
CA ASP A 365 12.07 -19.03 -20.24
C ASP A 365 13.09 -18.62 -21.30
N ARG A 366 13.61 -17.39 -21.22
CA ARG A 366 14.66 -16.91 -22.13
C ARG A 366 15.97 -17.64 -21.96
N SER A 367 16.23 -18.23 -20.78
CA SER A 367 17.50 -18.85 -20.42
C SER A 367 17.51 -20.37 -20.48
N LEU A 368 16.45 -21.00 -20.96
CA LEU A 368 16.44 -22.46 -21.08
C LEU A 368 17.63 -22.95 -21.88
N ALA A 369 18.22 -24.09 -21.47
CA ALA A 369 19.41 -24.51 -22.18
C ALA A 369 19.59 -26.00 -21.97
N PRO A 370 20.10 -26.74 -22.99
CA PRO A 370 20.22 -28.20 -22.83
C PRO A 370 21.25 -28.62 -21.79
N GLY A 371 22.26 -27.79 -21.51
CA GLY A 371 23.36 -28.27 -20.70
C GLY A 371 23.24 -28.05 -19.20
N GLU A 372 22.16 -27.38 -18.76
CA GLU A 372 21.82 -27.23 -17.35
C GLU A 372 20.31 -27.41 -17.21
N SER A 373 19.90 -27.92 -16.05
CA SER A 373 18.49 -28.13 -15.79
C SER A 373 17.81 -26.77 -15.49
N ASN A 374 16.48 -26.78 -15.61
CA ASN A 374 15.74 -25.57 -15.23
C ASN A 374 16.07 -25.17 -13.80
N ALA A 375 16.18 -26.15 -12.89
CA ALA A 375 16.43 -25.77 -11.49
C ALA A 375 17.79 -25.09 -11.36
N GLU A 376 18.79 -25.59 -12.08
CA GLU A 376 20.13 -24.98 -12.06
C GLU A 376 20.10 -23.55 -12.61
N ILE A 377 19.44 -23.38 -13.75
CA ILE A 377 19.32 -22.04 -14.33
C ILE A 377 18.52 -21.13 -13.41
N ALA A 378 17.43 -21.65 -12.83
CA ALA A 378 16.59 -20.84 -11.95
C ALA A 378 17.37 -20.35 -10.75
N GLU A 379 18.27 -21.18 -10.23
CA GLU A 379 19.06 -20.78 -9.08
C GLU A 379 19.95 -19.60 -9.44
N LYS A 380 20.63 -19.67 -10.58
CA LYS A 380 21.47 -18.57 -11.04
C LYS A 380 20.66 -17.30 -11.27
N ILE A 381 19.47 -17.44 -11.82
CA ILE A 381 18.59 -16.28 -12.02
C ILE A 381 18.17 -15.66 -10.68
N LYS A 382 17.81 -16.50 -9.71
CA LYS A 382 17.47 -15.94 -8.41
C LYS A 382 18.66 -15.21 -7.80
N VAL A 383 19.86 -15.75 -7.92
CA VAL A 383 21.03 -15.02 -7.40
C VAL A 383 21.11 -13.65 -8.06
N ARG A 384 20.92 -13.61 -9.38
CA ARG A 384 21.07 -12.36 -10.12
C ARG A 384 19.98 -11.37 -9.71
N ILE A 385 18.75 -11.81 -9.60
CA ILE A 385 17.70 -10.91 -9.17
C ILE A 385 17.95 -10.44 -7.75
N ARG A 386 18.36 -11.34 -6.85
CA ARG A 386 18.63 -10.92 -5.47
C ARG A 386 19.75 -9.88 -5.40
N GLU A 387 20.81 -10.07 -6.20
CA GLU A 387 21.99 -9.24 -6.09
C GLU A 387 21.92 -8.00 -6.96
N GLU A 388 21.53 -8.15 -8.23
CA GLU A 388 21.50 -7.03 -9.16
C GLU A 388 20.19 -6.25 -9.13
N ASP A 389 19.04 -6.93 -9.22
CA ASP A 389 17.77 -6.20 -9.26
C ASP A 389 17.44 -5.64 -7.90
N PHE A 390 17.60 -6.44 -6.85
CA PHE A 390 17.24 -5.94 -5.52
C PHE A 390 18.39 -5.22 -4.82
N GLY A 391 19.64 -5.37 -5.31
CA GLY A 391 20.77 -4.65 -4.74
C GLY A 391 21.64 -5.46 -3.80
N GLY A 392 21.20 -6.65 -3.39
CA GLY A 392 22.06 -7.52 -2.59
C GLY A 392 22.07 -7.24 -1.09
N ARG A 393 21.33 -6.25 -0.61
CA ARG A 393 21.35 -5.86 0.80
C ARG A 393 20.01 -6.11 1.51
N VAL A 394 19.05 -6.77 0.87
CA VAL A 394 17.76 -6.96 1.53
C VAL A 394 17.94 -7.86 2.74
N LEU A 395 17.61 -7.33 3.92
CA LEU A 395 17.75 -8.06 5.16
C LEU A 395 16.42 -8.41 5.79
N ASN A 396 15.38 -7.65 5.49
CA ASN A 396 14.08 -7.88 6.08
C ASN A 396 13.05 -7.65 5.00
N ALA A 397 12.05 -8.53 4.94
CA ALA A 397 11.05 -8.37 3.91
C ALA A 397 9.76 -8.98 4.42
N GLY A 398 8.64 -8.51 3.85
CA GLY A 398 7.34 -9.01 4.24
C GLY A 398 6.27 -8.57 3.27
N SER A 399 5.06 -9.03 3.51
CA SER A 399 3.96 -8.68 2.64
C SER A 399 2.72 -8.49 3.48
N GLY A 400 1.77 -7.71 2.96
CA GLY A 400 0.49 -7.52 3.61
C GLY A 400 -0.46 -6.78 2.68
N SER A 401 -1.65 -6.49 3.20
CA SER A 401 -2.78 -5.80 2.58
C SER A 401 -3.66 -6.76 1.80
N ALA A 402 -3.20 -7.97 1.53
CA ALA A 402 -3.95 -8.98 0.80
C ALA A 402 -3.23 -10.34 1.01
N PRO A 403 -3.92 -11.46 0.76
CA PRO A 403 -3.29 -12.77 0.96
C PRO A 403 -2.17 -13.04 -0.03
N LEU A 404 -1.20 -13.86 0.39
CA LEU A 404 -0.04 -14.26 -0.40
C LEU A 404 0.07 -15.79 -0.36
N SER A 405 0.15 -16.43 -1.52
CA SER A 405 0.06 -17.88 -1.57
C SER A 405 1.26 -18.52 -0.89
N PRO A 406 1.13 -19.78 -0.44
CA PRO A 406 2.31 -20.46 0.13
C PRO A 406 3.44 -20.56 -0.85
N GLU A 407 3.12 -20.80 -2.12
CA GLU A 407 4.10 -20.86 -3.20
C GLU A 407 4.86 -19.55 -3.34
N MET A 408 4.16 -18.42 -3.27
CA MET A 408 4.85 -17.14 -3.39
C MET A 408 5.64 -16.81 -2.13
N ASN A 409 5.15 -17.16 -0.94
CA ASN A 409 5.98 -17.04 0.26
C ASN A 409 7.30 -17.80 0.07
N ASP A 410 7.22 -19.08 -0.32
CA ASP A 410 8.43 -19.88 -0.52
C ASP A 410 9.34 -19.28 -1.59
N PHE A 411 8.78 -18.87 -2.73
CA PHE A 411 9.59 -18.27 -3.77
C PHE A 411 10.35 -17.05 -3.26
N MET A 412 9.64 -16.11 -2.61
CA MET A 412 10.31 -14.88 -2.13
C MET A 412 11.36 -15.19 -1.07
N GLU A 413 11.12 -16.18 -0.21
CA GLU A 413 12.13 -16.52 0.78
C GLU A 413 13.36 -17.12 0.12
N SER A 414 13.14 -17.96 -0.91
CA SER A 414 14.28 -18.52 -1.63
C SER A 414 15.01 -17.43 -2.40
N LEU A 415 14.26 -16.54 -3.06
CA LEU A 415 14.88 -15.51 -3.89
C LEU A 415 15.72 -14.55 -3.04
N LEU A 416 15.16 -14.08 -1.91
CA LEU A 416 15.78 -13.05 -1.12
C LEU A 416 16.61 -13.58 0.03
N GLN A 417 16.48 -14.88 0.36
CA GLN A 417 17.24 -15.51 1.45
C GLN A 417 16.97 -14.81 2.78
N VAL A 418 15.72 -14.39 2.99
CA VAL A 418 15.28 -13.90 4.29
C VAL A 418 13.89 -14.46 4.52
N ALA A 419 13.44 -14.41 5.77
CA ALA A 419 12.08 -14.80 6.09
C ALA A 419 11.09 -13.78 5.55
N MET A 420 9.99 -14.25 4.94
CA MET A 420 8.93 -13.35 4.46
C MET A 420 7.85 -13.19 5.52
N LEU A 421 7.86 -12.07 6.24
CA LEU A 421 6.85 -11.83 7.28
C LEU A 421 5.50 -11.63 6.64
N ASP A 422 4.46 -12.20 7.26
CA ASP A 422 3.09 -11.91 6.83
C ASP A 422 2.47 -10.95 7.84
N GLY A 423 2.12 -9.75 7.37
CA GLY A 423 1.54 -8.74 8.23
C GLY A 423 0.07 -8.55 7.91
N TYR A 424 -0.83 -8.93 8.82
CA TYR A 424 -2.25 -8.71 8.60
C TYR A 424 -2.71 -7.55 9.47
N GLY A 425 -3.52 -6.67 8.87
CA GLY A 425 -4.08 -5.52 9.56
C GLY A 425 -5.06 -4.83 8.65
N SER A 426 -5.56 -3.69 9.11
CA SER A 426 -6.52 -2.93 8.32
C SER A 426 -6.37 -1.45 8.64
N THR A 427 -6.88 -0.63 7.73
CA THR A 427 -7.03 0.80 8.01
C THR A 427 -7.74 1.03 9.35
N GLU A 428 -8.79 0.24 9.61
CA GLU A 428 -9.60 0.43 10.81
C GLU A 428 -8.85 0.00 12.07
N ALA A 429 -8.33 -1.22 12.08
CA ALA A 429 -7.76 -1.83 13.28
C ALA A 429 -6.27 -1.52 13.47
N GLY A 430 -5.55 -1.14 12.42
CA GLY A 430 -4.09 -1.09 12.56
C GLY A 430 -3.47 -2.47 12.38
N ALA A 431 -2.30 -2.68 12.98
CA ALA A 431 -1.61 -3.97 12.88
C ALA A 431 -2.30 -5.01 13.75
N VAL A 432 -2.62 -6.17 13.18
CA VAL A 432 -3.30 -7.24 13.93
C VAL A 432 -2.43 -8.48 14.14
N TRP A 433 -1.78 -8.99 13.07
CA TRP A 433 -0.92 -10.15 13.32
C TRP A 433 0.35 -10.16 12.49
N ARG A 434 1.28 -11.00 12.96
CA ARG A 434 2.54 -11.25 12.30
C ARG A 434 2.69 -12.76 12.18
N ASP A 435 2.75 -13.24 10.94
CA ASP A 435 2.81 -14.68 10.66
C ASP A 435 1.70 -15.46 11.37
N GLY A 436 0.48 -14.89 11.41
CA GLY A 436 -0.64 -15.55 12.02
C GLY A 436 -0.81 -15.27 13.51
N VAL A 437 0.20 -14.72 14.17
CA VAL A 437 0.22 -14.59 15.62
C VAL A 437 -0.23 -13.18 16.01
N LEU A 438 -1.32 -13.09 16.77
CA LEU A 438 -1.85 -11.79 17.14
C LEU A 438 -0.81 -11.00 17.89
N GLN A 439 -0.66 -9.73 17.53
CA GLN A 439 0.35 -8.88 18.17
C GLN A 439 -0.31 -8.18 19.36
N ARG A 440 0.15 -8.51 20.56
CA ARG A 440 -0.32 -7.93 21.81
C ARG A 440 0.83 -7.20 22.48
N PRO A 441 0.90 -5.87 22.43
CA PRO A 441 -0.07 -4.93 21.89
C PRO A 441 0.06 -4.86 20.38
N PRO A 442 -0.91 -4.23 19.71
CA PRO A 442 -2.07 -3.52 20.27
C PRO A 442 -3.30 -4.37 20.50
N VAL A 443 -3.38 -5.54 19.91
CA VAL A 443 -4.60 -6.33 20.06
C VAL A 443 -4.80 -6.66 21.54
N THR A 444 -6.03 -6.50 22.04
CA THR A 444 -6.34 -6.94 23.40
C THR A 444 -7.31 -8.11 23.46
N GLU A 445 -8.22 -8.26 22.48
CA GLU A 445 -9.20 -9.34 22.51
C GLU A 445 -9.52 -9.76 21.08
N TYR A 446 -9.78 -11.06 20.87
CA TYR A 446 -10.30 -11.53 19.60
C TYR A 446 -11.28 -12.66 19.84
N LYS A 447 -12.15 -12.86 18.85
CA LYS A 447 -12.97 -14.06 18.78
C LYS A 447 -13.28 -14.33 17.32
N LEU A 448 -13.82 -15.52 17.08
CA LEU A 448 -14.39 -15.90 15.78
C LEU A 448 -15.89 -16.03 15.96
N VAL A 449 -16.66 -15.61 14.94
CA VAL A 449 -18.11 -15.71 14.98
C VAL A 449 -18.57 -16.55 13.79
N ASP A 450 -19.44 -17.52 14.05
CA ASP A 450 -19.94 -18.40 12.99
C ASP A 450 -20.47 -17.56 11.83
N VAL A 451 -20.25 -18.06 10.61
CA VAL A 451 -20.95 -17.56 9.42
C VAL A 451 -21.67 -18.75 8.79
N PRO A 452 -22.83 -19.14 9.31
CA PRO A 452 -23.39 -20.42 8.91
C PRO A 452 -23.78 -20.47 7.45
N GLU A 453 -24.19 -19.34 6.87
CA GLU A 453 -24.54 -19.36 5.44
C GLU A 453 -23.33 -19.58 4.54
N LEU A 454 -22.11 -19.54 5.07
CA LEU A 454 -20.90 -19.90 4.32
C LEU A 454 -20.23 -21.16 4.87
N GLY A 455 -20.91 -21.89 5.75
CA GLY A 455 -20.40 -23.13 6.31
C GLY A 455 -19.23 -22.99 7.28
N TYR A 456 -19.04 -21.82 7.90
CA TYR A 456 -17.91 -21.60 8.82
C TYR A 456 -18.41 -21.57 10.25
N PHE A 457 -17.89 -22.48 11.09
CA PHE A 457 -18.34 -22.53 12.47
C PHE A 457 -17.15 -22.66 13.39
N THR A 458 -17.30 -22.13 14.61
CA THR A 458 -16.24 -22.25 15.59
C THR A 458 -15.97 -23.70 16.01
N THR A 459 -16.86 -24.64 15.68
CA THR A 459 -16.72 -26.05 16.01
C THR A 459 -16.20 -26.88 14.85
N ASP A 460 -15.82 -26.24 13.76
CA ASP A 460 -15.29 -26.94 12.61
C ASP A 460 -14.03 -27.73 12.97
N SER A 461 -13.81 -28.82 12.23
CA SER A 461 -12.62 -29.66 12.30
CA SER A 461 -12.61 -29.65 12.30
C SER A 461 -11.86 -29.61 10.98
N PRO A 462 -10.53 -29.52 11.00
CA PRO A 462 -9.66 -29.54 12.19
C PRO A 462 -9.53 -28.20 12.92
N HIS A 463 -9.96 -27.09 12.31
CA HIS A 463 -9.78 -25.76 12.89
C HIS A 463 -11.10 -25.01 13.00
N PRO A 464 -11.35 -24.34 14.13
CA PRO A 464 -12.48 -23.39 14.19
C PRO A 464 -12.36 -22.38 13.08
N ARG A 465 -13.50 -22.01 12.50
CA ARG A 465 -13.53 -20.98 11.47
C ARG A 465 -14.67 -20.01 11.75
N GLY A 466 -14.50 -18.77 11.30
CA GLY A 466 -15.61 -17.84 11.35
C GLY A 466 -15.07 -16.45 11.11
N GLU A 467 -15.94 -15.45 11.26
CA GLU A 467 -15.48 -14.06 11.10
C GLU A 467 -14.62 -13.63 12.28
N LEU A 468 -13.46 -13.04 11.98
CA LEU A 468 -12.61 -12.50 13.03
C LEU A 468 -13.19 -11.18 13.56
N ARG A 469 -13.28 -11.06 14.88
CA ARG A 469 -13.69 -9.80 15.50
C ARG A 469 -12.67 -9.45 16.57
N ILE A 470 -12.33 -8.17 16.71
CA ILE A 470 -11.14 -7.71 17.40
CA ILE A 470 -11.21 -7.79 17.54
C ILE A 470 -11.46 -6.52 18.31
N LYS A 471 -10.74 -6.39 19.43
CA LYS A 471 -10.62 -5.14 20.16
C LYS A 471 -9.13 -4.81 20.17
N SER A 472 -8.80 -3.52 20.02
CA SER A 472 -7.38 -3.18 19.89
C SER A 472 -7.12 -1.76 20.35
N GLU A 473 -5.91 -1.54 20.91
CA GLU A 473 -5.46 -0.22 21.31
C GLU A 473 -5.37 0.74 20.13
N THR A 474 -5.19 0.25 18.91
CA THR A 474 -5.11 1.15 17.76
C THR A 474 -6.38 1.12 16.90
N MET A 475 -7.52 0.73 17.48
CA MET A 475 -8.77 0.77 16.75
C MET A 475 -9.14 2.20 16.44
N PHE A 476 -9.50 2.47 15.20
CA PHE A 476 -9.86 3.83 14.81
C PHE A 476 -11.11 4.29 15.54
N PRO A 477 -11.32 5.59 15.70
CA PRO A 477 -12.55 6.07 16.35
C PRO A 477 -13.79 6.00 15.46
N GLY A 478 -13.67 5.82 14.16
CA GLY A 478 -14.87 5.69 13.33
C GLY A 478 -14.68 6.34 11.98
N TYR A 479 -15.75 6.29 11.18
CA TYR A 479 -15.68 6.91 9.85
C TYR A 479 -16.25 8.31 9.92
N TYR A 480 -15.59 9.24 9.23
CA TYR A 480 -15.93 10.65 9.30
C TYR A 480 -17.37 10.90 8.84
N LYS A 481 -18.18 11.48 9.73
CA LYS A 481 -19.58 11.85 9.46
C LYS A 481 -20.44 10.62 9.15
N ARG A 482 -20.04 9.43 9.57
CA ARG A 482 -20.83 8.22 9.38
C ARG A 482 -20.99 7.48 10.71
N PRO A 483 -21.69 8.09 11.68
CA PRO A 483 -21.88 7.37 12.96
C PRO A 483 -22.69 6.10 12.81
N GLU A 484 -23.73 6.07 11.96
CA GLU A 484 -24.52 4.84 11.86
C GLU A 484 -23.71 3.73 11.20
N THR A 485 -22.96 4.08 10.16
CA THR A 485 -22.06 3.15 9.50
C THR A 485 -21.02 2.63 10.46
N THR A 486 -20.47 3.51 11.29
CA THR A 486 -19.49 3.11 12.30
C THR A 486 -20.11 2.18 13.32
N ALA A 487 -21.29 2.54 13.85
CA ALA A 487 -21.94 1.66 14.81
C ALA A 487 -22.17 0.28 14.22
N ASP A 488 -22.43 0.25 12.92
CA ASP A 488 -22.77 -0.96 12.20
C ASP A 488 -21.61 -1.94 12.10
N VAL A 489 -20.37 -1.49 12.26
CA VAL A 489 -19.22 -2.40 12.17
C VAL A 489 -18.67 -2.76 13.55
N PHE A 490 -19.35 -2.38 14.63
CA PHE A 490 -19.00 -2.84 15.98
C PHE A 490 -20.17 -3.64 16.52
N ASP A 491 -19.90 -4.84 17.03
CA ASP A 491 -21.02 -5.67 17.46
C ASP A 491 -21.49 -5.28 18.85
N GLU A 492 -22.51 -6.02 19.33
CA GLU A 492 -23.16 -5.72 20.62
C GLU A 492 -22.16 -5.65 21.78
N ASP A 493 -21.07 -6.40 21.70
CA ASP A 493 -20.06 -6.43 22.76
C ASP A 493 -18.88 -5.51 22.49
N GLY A 494 -18.99 -4.60 21.51
CA GLY A 494 -17.91 -3.67 21.19
C GLY A 494 -16.77 -4.21 20.32
N PHE A 495 -16.90 -5.40 19.73
CA PHE A 495 -15.83 -5.94 18.89
C PHE A 495 -15.93 -5.38 17.46
N TYR A 496 -14.78 -5.07 16.89
CA TYR A 496 -14.75 -4.63 15.48
C TYR A 496 -14.97 -5.85 14.58
N MET A 497 -15.91 -5.74 13.65
CA MET A 497 -16.24 -6.84 12.75
C MET A 497 -15.35 -6.70 11.50
N THR A 498 -14.26 -7.49 11.42
CA THR A 498 -13.28 -7.29 10.35
C THR A 498 -13.84 -7.58 8.97
N GLY A 499 -14.90 -8.39 8.86
CA GLY A 499 -15.34 -8.85 7.55
C GLY A 499 -14.40 -9.86 6.91
N ASP A 500 -13.48 -10.41 7.69
CA ASP A 500 -12.52 -11.41 7.24
C ASP A 500 -12.81 -12.76 7.90
N VAL A 501 -12.87 -13.83 7.09
CA VAL A 501 -12.99 -15.20 7.60
C VAL A 501 -11.59 -15.73 7.89
N VAL A 502 -11.41 -16.30 9.09
CA VAL A 502 -10.12 -16.84 9.52
C VAL A 502 -10.35 -18.27 10.05
N ALA A 503 -9.25 -19.01 10.19
CA ALA A 503 -9.24 -20.27 10.92
C ALA A 503 -8.34 -20.08 12.12
N GLU A 504 -8.71 -20.67 13.27
CA GLU A 504 -7.89 -20.61 14.46
C GLU A 504 -7.01 -21.84 14.49
N LEU A 505 -5.72 -21.66 14.22
CA LEU A 505 -4.78 -22.77 14.28
C LEU A 505 -4.44 -23.12 15.72
N GLY A 506 -4.55 -22.16 16.62
CA GLY A 506 -4.12 -22.32 17.98
C GLY A 506 -4.45 -21.05 18.73
N PRO A 507 -4.32 -21.07 20.06
CA PRO A 507 -4.54 -19.85 20.85
C PRO A 507 -3.76 -18.68 20.26
N ASP A 508 -4.43 -17.57 19.90
CA ASP A 508 -3.80 -16.37 19.33
C ASP A 508 -3.14 -16.64 17.98
N HIS A 509 -3.42 -17.74 17.32
CA HIS A 509 -2.73 -18.10 16.09
C HIS A 509 -3.75 -18.40 14.99
N LEU A 510 -3.81 -17.54 13.98
CA LEU A 510 -4.88 -17.55 13.00
C LEU A 510 -4.32 -17.72 11.58
N LYS A 511 -5.21 -18.11 10.68
CA LYS A 511 -4.91 -18.24 9.26
C LYS A 511 -6.00 -17.50 8.51
N TYR A 512 -5.61 -16.68 7.54
CA TYR A 512 -6.57 -15.93 6.72
C TYR A 512 -7.21 -16.86 5.69
N LEU A 513 -8.55 -16.85 5.60
CA LEU A 513 -9.24 -17.66 4.59
C LEU A 513 -9.73 -16.79 3.44
N ASP A 514 -10.61 -15.81 3.70
CA ASP A 514 -10.96 -14.83 2.68
C ASP A 514 -11.82 -13.75 3.31
N ARG A 515 -12.12 -12.70 2.52
CA ARG A 515 -13.21 -11.80 2.91
C ARG A 515 -14.52 -12.57 2.94
N VAL A 516 -15.33 -12.32 3.97
CA VAL A 516 -16.70 -12.81 4.00
C VAL A 516 -17.35 -12.65 2.63
N LYS A 517 -17.27 -11.46 2.07
CA LYS A 517 -18.05 -11.19 0.86
C LYS A 517 -17.42 -11.79 -0.39
N ASN A 518 -16.20 -12.31 -0.31
CA ASN A 518 -15.53 -12.95 -1.43
C ASN A 518 -15.89 -14.42 -1.56
N VAL A 519 -16.42 -15.03 -0.51
CA VAL A 519 -16.66 -16.47 -0.53
C VAL A 519 -17.90 -16.76 -1.35
N LEU A 520 -17.78 -17.67 -2.32
CA LEU A 520 -18.89 -18.01 -3.21
C LEU A 520 -19.46 -19.38 -2.87
N LYS A 521 -20.78 -19.53 -2.92
CA LYS A 521 -21.40 -20.84 -2.81
C LYS A 521 -21.73 -21.37 -4.19
N LEU A 522 -21.28 -22.59 -4.47
CA LEU A 522 -21.65 -23.18 -5.74
C LEU A 522 -23.00 -23.87 -5.61
N ALA A 523 -23.57 -24.22 -6.76
CA ALA A 523 -24.95 -24.70 -6.77
C ALA A 523 -25.16 -25.93 -5.89
N GLN A 524 -24.13 -26.75 -5.73
CA GLN A 524 -24.27 -28.02 -5.03
C GLN A 524 -23.86 -27.94 -3.56
N GLY A 525 -23.57 -26.75 -3.05
CA GLY A 525 -23.32 -26.60 -1.63
C GLY A 525 -21.87 -26.38 -1.24
N GLU A 526 -20.94 -26.40 -2.20
CA GLU A 526 -19.55 -26.11 -1.89
C GLU A 526 -19.36 -24.60 -1.72
N PHE A 527 -18.30 -24.22 -0.99
CA PHE A 527 -17.96 -22.82 -0.73
C PHE A 527 -16.53 -22.58 -1.19
N VAL A 528 -16.31 -21.47 -1.90
CA VAL A 528 -15.04 -21.23 -2.59
C VAL A 528 -14.48 -19.88 -2.14
N ALA A 529 -13.23 -19.88 -1.70
CA ALA A 529 -12.53 -18.67 -1.32
C ALA A 529 -11.78 -18.15 -2.55
N VAL A 530 -12.41 -17.22 -3.29
CA VAL A 530 -11.90 -16.84 -4.60
C VAL A 530 -10.49 -16.21 -4.55
N SER A 531 -10.15 -15.47 -3.49
CA SER A 531 -8.85 -14.78 -3.56
C SER A 531 -7.70 -15.75 -3.36
N LYS A 532 -7.96 -16.87 -2.66
CA LYS A 532 -7.00 -17.97 -2.61
C LYS A 532 -6.81 -18.60 -3.99
N LEU A 533 -7.91 -18.84 -4.70
CA LEU A 533 -7.82 -19.37 -6.07
C LEU A 533 -7.05 -18.43 -6.97
N GLU A 534 -7.32 -17.12 -6.88
CA GLU A 534 -6.64 -16.16 -7.74
C GLU A 534 -5.15 -16.13 -7.43
N ALA A 535 -4.78 -16.16 -6.14
CA ALA A 535 -3.37 -16.23 -5.76
C ALA A 535 -2.69 -17.48 -6.34
N ALA A 536 -3.39 -18.61 -6.36
CA ALA A 536 -2.79 -19.83 -6.90
C ALA A 536 -2.67 -19.77 -8.42
N TYR A 537 -3.75 -19.40 -9.12
CA TYR A 537 -3.75 -19.46 -10.58
C TYR A 537 -2.84 -18.38 -11.22
N THR A 538 -2.65 -17.25 -10.55
CA THR A 538 -1.73 -16.20 -11.04
C THR A 538 -0.32 -16.77 -11.23
N GLY A 539 0.08 -17.75 -10.39
CA GLY A 539 1.39 -18.39 -10.46
C GLY A 539 1.68 -19.19 -11.72
N SER A 540 0.67 -19.52 -12.50
CA SER A 540 0.93 -20.12 -13.80
C SER A 540 1.81 -19.18 -14.61
N PRO A 541 2.84 -19.70 -15.30
CA PRO A 541 3.66 -18.80 -16.15
C PRO A 541 2.90 -18.16 -17.26
N LEU A 542 1.75 -18.71 -17.65
CA LEU A 542 0.95 -18.11 -18.72
C LEU A 542 0.12 -16.92 -18.22
N VAL A 543 -0.11 -16.84 -16.92
CA VAL A 543 -1.11 -15.94 -16.35
C VAL A 543 -0.43 -14.75 -15.70
N ARG A 544 -0.86 -13.56 -16.10
CA ARG A 544 -0.40 -12.32 -15.45
C ARG A 544 -1.34 -11.86 -14.32
N GLN A 545 -2.65 -11.85 -14.60
CA GLN A 545 -3.67 -11.54 -13.61
C GLN A 545 -4.84 -12.48 -13.84
N ILE A 546 -5.66 -12.66 -12.81
CA ILE A 546 -6.87 -13.47 -12.97
C ILE A 546 -7.94 -12.96 -12.00
N PHE A 547 -9.18 -12.97 -12.47
CA PHE A 547 -10.36 -12.63 -11.70
C PHE A 547 -11.27 -13.85 -11.76
N VAL A 548 -11.54 -14.49 -10.61
CA VAL A 548 -12.36 -15.71 -10.59
C VAL A 548 -13.79 -15.29 -10.24
N TYR A 549 -14.75 -15.87 -10.96
CA TYR A 549 -16.14 -15.45 -10.93
C TYR A 549 -17.04 -16.68 -10.84
N GLY A 550 -18.13 -16.57 -10.08
CA GLY A 550 -19.12 -17.64 -10.09
C GLY A 550 -20.53 -17.13 -9.96
N ASN A 551 -21.49 -18.05 -10.15
CA ASN A 551 -22.91 -17.80 -9.92
C ASN A 551 -23.49 -18.95 -9.10
N SER A 552 -24.14 -18.62 -7.99
CA SER A 552 -24.65 -19.66 -7.09
C SER A 552 -25.63 -20.60 -7.77
N GLU A 553 -26.17 -20.22 -8.93
CA GLU A 553 -27.03 -21.09 -9.75
C GLU A 553 -26.24 -22.17 -10.51
N ARG A 554 -24.92 -21.99 -10.67
CA ARG A 554 -24.10 -22.88 -11.48
C ARG A 554 -23.23 -23.76 -10.59
N SER A 555 -22.84 -24.90 -11.15
CA SER A 555 -22.04 -25.86 -10.39
C SER A 555 -20.53 -25.61 -10.50
N TYR A 556 -20.09 -24.61 -11.27
CA TYR A 556 -18.66 -24.46 -11.58
C TYR A 556 -18.31 -22.97 -11.68
N LEU A 557 -16.99 -22.68 -11.71
CA LEU A 557 -16.46 -21.33 -11.75
C LEU A 557 -16.06 -20.92 -13.17
N LEU A 558 -15.96 -19.61 -13.39
CA LEU A 558 -15.37 -19.01 -14.59
C LEU A 558 -14.28 -18.04 -14.15
N ALA A 559 -13.57 -17.47 -15.13
CA ALA A 559 -12.59 -16.45 -14.76
C ALA A 559 -12.35 -15.51 -15.93
N VAL A 560 -11.66 -14.44 -15.62
CA VAL A 560 -11.14 -13.54 -16.63
C VAL A 560 -9.64 -13.59 -16.47
N VAL A 561 -8.95 -14.04 -17.52
CA VAL A 561 -7.52 -14.30 -17.46
C VAL A 561 -6.81 -13.29 -18.35
N VAL A 562 -5.90 -12.53 -17.75
CA VAL A 562 -4.96 -11.68 -18.46
C VAL A 562 -3.65 -12.47 -18.61
N PRO A 563 -3.28 -12.91 -19.82
CA PRO A 563 -2.00 -13.62 -19.97
C PRO A 563 -0.83 -12.66 -19.90
N THR A 564 0.36 -13.21 -19.65
CA THR A 564 1.56 -12.39 -19.71
C THR A 564 1.78 -11.92 -21.14
N PRO A 565 2.48 -10.79 -21.33
CA PRO A 565 2.81 -10.40 -22.70
C PRO A 565 3.65 -11.44 -23.41
N GLU A 566 4.51 -12.16 -22.66
CA GLU A 566 5.28 -13.21 -23.30
C GLU A 566 4.38 -14.32 -23.83
N ALA A 567 3.36 -14.69 -23.08
CA ALA A 567 2.42 -15.71 -23.56
C ALA A 567 1.66 -15.24 -24.80
N LEU A 568 1.17 -14.01 -24.78
CA LEU A 568 0.45 -13.50 -25.95
C LEU A 568 1.38 -13.48 -27.17
N GLU A 569 2.62 -13.06 -27.00
CA GLU A 569 3.51 -12.99 -28.15
C GLU A 569 3.85 -14.36 -28.69
N ARG A 570 4.02 -15.36 -27.80
CA ARG A 570 4.42 -16.69 -28.23
C ARG A 570 3.34 -17.33 -29.11
N TYR A 571 2.08 -16.93 -28.93
CA TYR A 571 0.96 -17.49 -29.68
C TYR A 571 0.25 -16.46 -30.54
N ALA A 572 0.91 -15.32 -30.80
CA ALA A 572 0.33 -14.30 -31.67
C ALA A 572 -0.13 -14.88 -32.99
N ASP A 573 0.66 -15.79 -33.58
CA ASP A 573 0.36 -16.34 -34.89
C ASP A 573 -0.43 -17.64 -34.83
N SER A 574 -0.70 -18.15 -33.63
CA SER A 574 -1.54 -19.33 -33.42
C SER A 574 -2.59 -18.96 -32.38
N PRO A 575 -3.59 -18.15 -32.78
CA PRO A 575 -4.50 -17.57 -31.76
C PRO A 575 -5.28 -18.64 -30.99
N ASP A 576 -5.87 -19.59 -31.71
CA ASP A 576 -6.60 -20.74 -31.18
C ASP A 576 -5.88 -21.47 -30.06
N ALA A 577 -4.55 -21.36 -29.98
CA ALA A 577 -3.79 -22.31 -29.17
C ALA A 577 -3.65 -21.86 -27.72
N LEU A 578 -3.68 -20.54 -27.45
CA LEU A 578 -3.36 -20.09 -26.11
C LEU A 578 -4.41 -20.54 -25.10
N LYS A 579 -5.70 -20.46 -25.45
CA LYS A 579 -6.74 -20.73 -24.46
C LYS A 579 -6.67 -22.16 -23.91
N PRO A 580 -6.54 -23.21 -24.73
CA PRO A 580 -6.43 -24.56 -24.15
C PRO A 580 -5.17 -24.77 -23.31
N LEU A 581 -4.07 -24.09 -23.65
CA LEU A 581 -2.88 -24.19 -22.80
C LEU A 581 -3.10 -23.51 -21.46
N ILE A 582 -3.79 -22.38 -21.44
CA ILE A 582 -4.12 -21.77 -20.14
C ILE A 582 -5.00 -22.69 -19.33
N GLN A 583 -5.95 -23.36 -19.97
CA GLN A 583 -6.86 -24.23 -19.24
C GLN A 583 -6.10 -25.38 -18.59
N ASP A 584 -5.20 -26.02 -19.36
CA ASP A 584 -4.38 -27.09 -18.82
C ASP A 584 -3.48 -26.61 -17.70
N SER A 585 -3.00 -25.36 -17.79
CA SER A 585 -2.14 -24.84 -16.73
C SER A 585 -2.94 -24.66 -15.44
N LEU A 586 -4.18 -24.18 -15.54
CA LEU A 586 -5.04 -24.07 -14.35
C LEU A 586 -5.26 -25.44 -13.72
N GLN A 587 -5.53 -26.45 -14.53
CA GLN A 587 -5.69 -27.80 -14.02
C GLN A 587 -4.45 -28.23 -13.25
N GLN A 588 -3.27 -27.93 -13.78
CA GLN A 588 -2.04 -28.37 -13.12
C GLN A 588 -1.79 -27.60 -11.83
N VAL A 589 -2.08 -26.29 -11.82
CA VAL A 589 -1.95 -25.52 -10.59
C VAL A 589 -2.84 -26.13 -9.52
N ALA A 590 -4.06 -26.50 -9.90
CA ALA A 590 -5.02 -27.02 -8.94
C ALA A 590 -4.56 -28.32 -8.32
N LYS A 591 -3.99 -29.22 -9.13
CA LYS A 591 -3.48 -30.49 -8.59
C LYS A 591 -2.31 -30.27 -7.65
N GLY A 592 -1.39 -29.36 -8.02
CA GLY A 592 -0.26 -29.09 -7.15
C GLY A 592 -0.69 -28.48 -5.82
N ALA A 593 -1.72 -27.65 -5.84
CA ALA A 593 -2.22 -27.02 -4.64
C ALA A 593 -3.26 -27.86 -3.92
N GLU A 594 -3.55 -29.06 -4.42
CA GLU A 594 -4.55 -29.93 -3.84
C GLU A 594 -5.91 -29.23 -3.73
N LEU A 595 -6.24 -28.44 -4.74
CA LEU A 595 -7.56 -27.85 -4.83
C LEU A 595 -8.58 -28.89 -5.27
N GLN A 596 -9.84 -28.67 -4.88
CA GLN A 596 -10.92 -29.54 -5.30
C GLN A 596 -11.28 -29.24 -6.75
N SER A 597 -11.94 -30.21 -7.37
CA SER A 597 -12.34 -30.06 -8.77
C SER A 597 -13.30 -28.89 -8.96
N TYR A 598 -14.17 -28.64 -7.99
CA TYR A 598 -15.05 -27.49 -8.12
C TYR A 598 -14.30 -26.16 -7.96
N GLU A 599 -13.04 -26.17 -7.53
CA GLU A 599 -12.26 -24.96 -7.44
C GLU A 599 -11.50 -24.64 -8.73
N ILE A 600 -11.82 -25.31 -9.83
CA ILE A 600 -11.10 -25.15 -11.10
C ILE A 600 -12.04 -24.45 -12.07
N PRO A 601 -11.75 -23.22 -12.50
CA PRO A 601 -12.54 -22.60 -13.58
C PRO A 601 -12.65 -23.51 -14.79
N ARG A 602 -13.87 -23.69 -15.27
CA ARG A 602 -14.09 -24.54 -16.43
C ARG A 602 -14.08 -23.78 -17.74
N ASP A 603 -14.20 -22.45 -17.70
CA ASP A 603 -14.02 -21.63 -18.90
C ASP A 603 -13.63 -20.25 -18.43
N PHE A 604 -13.22 -19.40 -19.38
CA PHE A 604 -12.76 -18.07 -19.02
C PHE A 604 -12.68 -17.21 -20.27
N ILE A 605 -12.60 -15.90 -20.04
CA ILE A 605 -12.39 -14.89 -21.08
C ILE A 605 -10.92 -14.49 -21.04
N VAL A 606 -10.30 -14.44 -22.20
CA VAL A 606 -8.91 -13.98 -22.30
C VAL A 606 -8.94 -12.48 -22.49
N GLU A 607 -8.36 -11.74 -21.56
CA GLU A 607 -8.30 -10.29 -21.64
C GLU A 607 -6.87 -9.87 -21.92
N THR A 608 -6.66 -9.08 -22.99
CA THR A 608 -5.32 -8.66 -23.35
C THR A 608 -4.90 -7.34 -22.71
N VAL A 609 -5.83 -6.63 -22.09
CA VAL A 609 -5.60 -5.32 -21.49
C VAL A 609 -5.59 -5.49 -19.97
N PRO A 610 -4.42 -5.46 -19.33
CA PRO A 610 -4.35 -5.71 -17.89
C PRO A 610 -5.22 -4.74 -17.08
N PHE A 611 -5.77 -5.26 -15.98
CA PHE A 611 -6.44 -4.39 -15.01
C PHE A 611 -5.45 -3.38 -14.47
N THR A 612 -5.90 -2.13 -14.28
CA THR A 612 -5.08 -1.04 -13.75
C THR A 612 -5.79 -0.29 -12.62
N VAL A 613 -4.99 0.35 -11.77
CA VAL A 613 -5.51 1.29 -10.78
C VAL A 613 -6.25 2.44 -11.49
N GLU A 614 -5.69 2.93 -12.60
CA GLU A 614 -6.28 4.07 -13.32
C GLU A 614 -7.68 3.74 -13.83
N SER A 615 -7.90 2.49 -14.26
CA SER A 615 -9.21 2.06 -14.76
C SER A 615 -10.23 1.84 -13.65
N GLY A 616 -9.81 1.88 -12.38
CA GLY A 616 -10.74 1.61 -11.30
C GLY A 616 -11.02 0.13 -11.06
N LEU A 617 -10.43 -0.78 -11.85
CA LEU A 617 -10.56 -2.21 -11.61
C LEU A 617 -9.67 -2.70 -10.50
N LEU A 618 -8.59 -1.98 -10.22
CA LEU A 618 -7.70 -2.29 -9.10
C LEU A 618 -7.75 -1.15 -8.08
N SER A 619 -7.68 -1.51 -6.81
CA SER A 619 -7.64 -0.48 -5.77
C SER A 619 -6.24 0.14 -5.72
N ASP A 620 -6.12 1.22 -4.95
CA ASP A 620 -4.83 1.87 -4.86
C ASP A 620 -3.80 0.98 -4.21
N ALA A 621 -4.23 -0.13 -3.59
CA ALA A 621 -3.32 -1.19 -3.18
C ALA A 621 -3.15 -2.29 -4.23
N ARG A 622 -3.75 -2.13 -5.42
CA ARG A 622 -3.65 -3.09 -6.52
C ARG A 622 -4.37 -4.41 -6.22
N LYS A 623 -5.25 -4.45 -5.24
CA LYS A 623 -6.20 -5.55 -5.10
C LYS A 623 -7.30 -5.39 -6.14
N LEU A 624 -7.93 -6.51 -6.51
CA LEU A 624 -9.12 -6.44 -7.37
C LEU A 624 -10.24 -5.67 -6.68
N LEU A 625 -10.91 -4.82 -7.44
CA LEU A 625 -12.15 -4.19 -6.97
C LEU A 625 -13.29 -4.99 -7.59
N ARG A 626 -13.72 -6.02 -6.87
CA ARG A 626 -14.67 -6.99 -7.41
C ARG A 626 -15.96 -6.36 -7.93
N PRO A 627 -16.61 -5.42 -7.24
CA PRO A 627 -17.82 -4.85 -7.85
C PRO A 627 -17.53 -4.21 -9.20
N LYS A 628 -16.34 -3.63 -9.38
CA LYS A 628 -16.01 -2.98 -10.65
C LYS A 628 -15.72 -4.02 -11.74
N LEU A 629 -15.08 -5.13 -11.37
CA LEU A 629 -14.86 -6.21 -12.34
C LEU A 629 -16.17 -6.90 -12.72
N LYS A 630 -17.06 -7.15 -11.75
CA LYS A 630 -18.37 -7.69 -12.10
C LYS A 630 -19.19 -6.69 -12.89
N GLU A 631 -19.03 -5.40 -12.61
CA GLU A 631 -19.68 -4.37 -13.42
C GLU A 631 -19.18 -4.41 -14.87
N HIS A 632 -17.90 -4.71 -15.07
CA HIS A 632 -17.27 -4.66 -16.38
C HIS A 632 -17.38 -5.96 -17.16
N TYR A 633 -17.23 -7.12 -16.52
CA TYR A 633 -17.23 -8.38 -17.24
C TYR A 633 -18.49 -9.21 -17.04
N GLY A 634 -19.41 -8.76 -16.18
CA GLY A 634 -20.50 -9.61 -15.74
C GLY A 634 -21.37 -10.10 -16.88
N GLU A 635 -21.67 -9.24 -17.86
CA GLU A 635 -22.52 -9.65 -18.96
C GLU A 635 -21.87 -10.75 -19.79
N ARG A 636 -20.59 -10.58 -20.12
CA ARG A 636 -19.90 -11.58 -20.92
C ARG A 636 -19.78 -12.90 -20.16
N LEU A 637 -19.52 -12.82 -18.86
CA LEU A 637 -19.34 -14.05 -18.08
C LEU A 637 -20.66 -14.81 -17.97
N GLU A 638 -21.76 -14.10 -17.72
CA GLU A 638 -23.05 -14.76 -17.69
C GLU A 638 -23.41 -15.29 -19.08
N ALA A 639 -23.03 -14.58 -20.14
CA ALA A 639 -23.21 -15.13 -21.48
C ALA A 639 -22.35 -16.37 -21.67
N LEU A 640 -21.17 -16.44 -21.04
CA LEU A 640 -20.38 -17.65 -21.15
C LEU A 640 -21.02 -18.80 -20.37
N TYR A 641 -21.68 -18.49 -19.24
CA TYR A 641 -22.49 -19.49 -18.56
C TYR A 641 -23.68 -19.93 -19.42
N ALA A 642 -24.34 -18.98 -20.08
CA ALA A 642 -25.65 -19.25 -20.67
C ALA A 642 -25.57 -20.08 -21.94
N ASP A 643 -24.46 -20.00 -22.66
CA ASP A 643 -24.29 -20.75 -23.91
C ASP A 643 -23.42 -21.99 -23.69
#